data_7UN6
#
_entry.id   7UN6
#
_cell.length_a   1.00
_cell.length_b   1.00
_cell.length_c   1.00
_cell.angle_alpha   90.00
_cell.angle_beta   90.00
_cell.angle_gamma   90.00
#
_symmetry.space_group_name_H-M   'P 1'
#
loop_
_entity.id
_entity.type
_entity.pdbx_description
1 polymer '(E3-independent) E2 ubiquitin-conjugating enzyme'
2 polymer 'Nucleosome assembly protein 1-like 1'
#
loop_
_entity_poly.entity_id
_entity_poly.type
_entity_poly.pdbx_seq_one_letter_code
_entity_poly.pdbx_strand_id
1 'polypeptide(L)'
;MASWSHPQFEKGAWSHPQFEKGSWSHPQFEKGPAGSENLYFQGSGIRDRTMADPAAPTPAAPAPAQAPAPAPEAVPAPAA
APVPAPAPASDSASGPSSDSGPEAGSQRLLFSHDLVSGRYRGSVHFGLVRLIHGEDSDSEGEEEGRGSSGCSEAGGAGHE
EGRASPLRRGYVRVQWYPEGVKQHVKETKLKLEDRSVVPRDVVRHMRSTDSQCGTVIDVNIDCAVKLIGTNCIIYPVNSK
DLQHIWPFMYGDYIAYDCWLGKVYDLKNQIILKLSNGARCSMNTEDGAKLYDVCPHVSDSGLFFDDSYGFYPGQVLIGPA
KIFSSVQWLSGVKPVLSTKSKFRVVVEEVQVVELKVTWITKSFCPGGTDSVSPPPSVITQENLGRVKRLGCFDHAQRQLG
ERCLYVFPAKVEPAKIAWECPEKNCAQGEGSMAKKVKRLLKKQVVRIMSCSPDTQCSRDHSMEDPDKKGESKTKSEAESA
SPEETPDGSASPVEMQDEGAEEPHEAGEQLPPFLLKEGRDDRLHSAEQDADDEAADDTDDTSSVTSSASSTTSSQSGSGT
SRKKSIPLSIKNLKRKHKRKKNKITRDFKPGDRVAVEVVTTMTSADVMWQDGSVECNIRSNDLFPVHHLDNNEFCPGDFV
VDKRVQSCPDPAVYGVVQSGDHIGRTCMVKWFKLRPSGDDVELIGEEEDVSVYDIADHPDFRFRTTDIVIRIGNTEDGAP
HKEDEPSVGQVARVDVSSKVEVVWADNSKTIILPQHLYNIESEIEESDYDSVEGSTSGASSDEWEDDSDSWETDNGLVED
EHPKIEEPPIPPLEQPVAPEDKGVVISEEAATAAVQGAVAMAAPMAGLMEKAGKDGPPKSFRELKEAIKILESLKNMTVE
QLLTGSPTSPTVEPEKPTREKKFLDDIKKLQENLKKTLDNVAIVEEEKMEAVPDVERKEDKPEGQSPVKAEWPSETPVLC
QQCGGKPGVTFTSAKGEVFSVLEFAPSNHSFKKIEFQPPEAKKFFSTVRKEMALLATSLPEGIMVKTFEDRMDLFSALIK
GPTRTPYEDGLYLFDIQLPNIYPAVPPHFCYLSQCSGRLNPNLYDNGKVKVSLLGTWIGKGTERWTSKSSLLQVLISIQG
LILVNEPYYNEAGFDSDRGLQEGYENSRCYNEMALIRVVQSMTQLVRRPPEVFEQEIRQHFSTGGWRLVNRIESWLETHA
LLEKAQALPNGVPKASSSPEPPAVAELSDSGQQEPEDGGPAPGEASQGSDSEGGAQGLASASRDHTDQTSETAPDASVPP
SVKPKKRRKSYRSFLPEKSGYPDIGFPLFPLSKGFIKSIRGVLTQFRAALLEAGMPECTEDK
;
A
2 'polypeptide(L)'
;MDYKDHDGDYKDHDIDYKDDDDKAGSADIDNKEQSELDQDLDDVEEVEEEETGEETKLKARQLTVQMMQNPQILAALQER
LDGLVETPTGYIESLPRVVKRRVNALKNLQVKCAQIEAKFYEEVHDLERKYAVLYQPLFDKRFEIINAIYEPTEEECEWK
PDEEDEISEELKEKAKIEDEKKDEEKEDPKGIPEFWLTVFKNVDLLSDMVQEHDEPILKHLKDIKVKFSDAGQPMSFVLE
FHFEPNEYFTNEVLTKTYRMRSEPDDSDPFSFDGPEIMGCTGCQIDWKKGKNVTLKTIKKKQKHKGRGTVRTVTKTVSND
SFFNFFAPPEVPESGDLDDDAEAILAADFEIGHFLRERIIPRSVLYFTGEAIEDDDDDYDEEGEEADEEGEEEGDEENDP
DYDPKKDQNPAECKQQ
;
B,C
#
# COMPACT_ATOMS: atom_id res chain seq x y z
N GLN A 107 -20.07 2.39 28.56
CA GLN A 107 -20.17 2.00 27.16
C GLN A 107 -19.33 2.89 26.29
N ARG A 108 -18.37 2.32 25.59
CA ARG A 108 -17.66 3.06 24.56
C ARG A 108 -18.57 3.22 23.34
N LEU A 109 -18.34 4.29 22.58
CA LEU A 109 -19.24 4.69 21.53
C LEU A 109 -18.67 4.53 20.13
N LEU A 110 -17.36 4.49 19.96
CA LEU A 110 -16.75 4.30 18.66
C LEU A 110 -16.32 2.86 18.50
N PHE A 111 -16.28 2.40 17.24
CA PHE A 111 -15.94 1.03 16.91
C PHE A 111 -15.08 1.03 15.66
N SER A 112 -14.72 -0.15 15.18
CA SER A 112 -13.85 -0.25 14.01
C SER A 112 -14.61 0.14 12.75
N HIS A 113 -13.96 0.91 11.89
CA HIS A 113 -14.46 1.23 10.55
C HIS A 113 -15.70 2.14 10.58
N ASP A 114 -15.82 2.99 11.59
CA ASP A 114 -16.91 3.97 11.63
C ASP A 114 -16.46 5.30 11.04
N LEU A 115 -17.43 6.04 10.50
CA LEU A 115 -17.17 7.37 9.98
C LEU A 115 -17.12 8.38 11.13
N VAL A 116 -16.03 9.14 11.20
CA VAL A 116 -15.84 10.13 12.25
C VAL A 116 -15.42 11.45 11.63
N SER A 117 -15.82 12.54 12.27
CA SER A 117 -15.46 13.89 11.86
C SER A 117 -14.73 14.58 13.00
N GLY A 118 -13.55 15.13 12.71
CA GLY A 118 -12.73 15.70 13.76
C GLY A 118 -11.96 16.91 13.30
N ARG A 119 -11.28 17.55 14.25
CA ARG A 119 -10.50 18.75 14.01
C ARG A 119 -9.13 18.34 13.47
N TYR A 120 -9.08 18.06 12.16
CA TYR A 120 -7.84 17.65 11.54
C TYR A 120 -6.90 18.83 11.34
N ARG A 121 -7.34 19.82 10.56
CA ARG A 121 -6.57 21.03 10.29
C ARG A 121 -7.47 22.25 10.43
N GLY A 122 -8.20 22.33 11.53
CA GLY A 122 -9.15 23.41 11.72
C GLY A 122 -10.47 23.10 11.04
N SER A 123 -10.40 22.80 9.74
CA SER A 123 -11.59 22.42 9.00
C SER A 123 -11.96 20.97 9.32
N VAL A 124 -13.23 20.74 9.65
CA VAL A 124 -13.67 19.39 9.98
C VAL A 124 -13.52 18.49 8.77
N HIS A 125 -12.78 17.41 8.94
CA HIS A 125 -12.57 16.42 7.89
C HIS A 125 -13.05 15.06 8.37
N PHE A 126 -13.62 14.30 7.44
CA PHE A 126 -14.13 12.97 7.74
C PHE A 126 -12.99 11.97 7.76
N GLY A 127 -13.21 10.84 8.42
CA GLY A 127 -12.19 9.83 8.53
C GLY A 127 -12.74 8.52 9.06
N LEU A 128 -12.08 7.44 8.67
CA LEU A 128 -12.42 6.08 9.08
C LEU A 128 -11.50 5.66 10.21
N VAL A 129 -12.07 5.04 11.24
CA VAL A 129 -11.30 4.64 12.41
C VAL A 129 -10.82 3.20 12.23
N ARG A 130 -9.55 2.95 12.58
CA ARG A 130 -8.90 1.68 12.31
C ARG A 130 -8.63 0.87 13.58
N LEU A 131 -7.91 1.43 14.55
CA LEU A 131 -7.55 0.73 15.77
C LEU A 131 -8.46 1.20 16.90
N ILE A 132 -9.04 0.25 17.63
CA ILE A 132 -10.23 0.51 18.43
C ILE A 132 -10.01 0.15 19.89
N HIS A 133 -8.80 0.38 20.41
CA HIS A 133 -8.47 0.19 21.82
C HIS A 133 -8.18 -1.27 22.15
N GLY A 134 -8.05 -2.12 21.14
CA GLY A 134 -7.76 -3.53 21.35
C GLY A 134 -7.26 -4.22 20.10
N VAL A 172 -9.40 6.37 19.93
CA VAL A 172 -9.30 5.40 18.85
C VAL A 172 -8.55 6.01 17.69
N ARG A 173 -8.10 5.19 16.75
CA ARG A 173 -7.25 5.65 15.66
C ARG A 173 -8.09 5.94 14.42
N VAL A 174 -7.83 7.09 13.80
CA VAL A 174 -8.62 7.60 12.67
C VAL A 174 -7.68 7.98 11.54
N GLN A 175 -8.14 7.75 10.31
CA GLN A 175 -7.45 8.13 9.09
C GLN A 175 -8.41 8.98 8.26
N TRP A 176 -7.99 10.19 7.91
CA TRP A 176 -8.90 11.17 7.33
C TRP A 176 -8.97 11.02 5.80
N TYR A 177 -10.02 11.60 5.23
CA TYR A 177 -10.41 11.34 3.85
C TYR A 177 -9.40 11.91 2.86
N PRO A 178 -9.24 13.23 2.76
CA PRO A 178 -8.38 13.76 1.70
C PRO A 178 -6.93 13.32 1.83
N GLU A 179 -6.31 13.58 2.98
CA GLU A 179 -4.93 13.20 3.24
C GLU A 179 -4.90 12.42 4.54
N GLY A 180 -4.53 11.14 4.46
CA GLY A 180 -4.61 10.27 5.60
C GLY A 180 -3.47 10.41 6.57
N VAL A 181 -3.78 10.76 7.81
CA VAL A 181 -2.80 10.80 8.90
C VAL A 181 -3.39 9.98 10.04
N LYS A 182 -3.07 8.69 10.08
CA LYS A 182 -3.56 7.83 11.14
C LYS A 182 -3.13 8.39 12.50
N GLN A 183 -4.09 8.63 13.37
CA GLN A 183 -3.77 9.26 14.65
C GLN A 183 -4.83 8.90 15.69
N HIS A 184 -4.41 8.88 16.95
CA HIS A 184 -5.31 8.62 18.06
C HIS A 184 -6.08 9.88 18.43
N VAL A 185 -7.39 9.75 18.64
CA VAL A 185 -8.25 10.86 19.00
C VAL A 185 -9.17 10.43 20.13
N LYS A 186 -9.48 11.36 21.02
CA LYS A 186 -10.43 11.08 22.09
C LYS A 186 -11.76 10.65 21.49
N GLU A 187 -12.32 9.58 22.05
CA GLU A 187 -13.57 9.05 21.50
C GLU A 187 -14.68 10.09 21.60
N THR A 188 -14.79 10.79 22.72
CA THR A 188 -15.81 11.81 22.87
C THR A 188 -15.61 12.94 21.86
N LYS A 189 -14.36 13.37 21.67
CA LYS A 189 -14.10 14.48 20.75
C LYS A 189 -14.51 14.13 19.33
N LEU A 190 -14.19 12.91 18.88
CA LEU A 190 -14.61 12.49 17.56
C LEU A 190 -16.13 12.49 17.47
N LYS A 191 -16.65 12.93 16.32
CA LYS A 191 -18.08 12.96 16.07
C LYS A 191 -18.44 11.81 15.15
N LEU A 192 -19.35 10.95 15.59
CA LEU A 192 -19.73 9.79 14.80
C LEU A 192 -20.71 10.20 13.71
N GLU A 193 -20.53 9.61 12.53
CA GLU A 193 -21.40 9.85 11.39
C GLU A 193 -22.00 8.58 10.82
N ASP A 194 -21.24 7.49 10.80
CA ASP A 194 -21.70 6.23 10.20
C ASP A 194 -21.04 5.06 10.91
N ARG A 195 -21.66 3.90 10.78
CA ARG A 195 -21.13 2.67 11.33
C ARG A 195 -21.01 1.62 10.24
N SER A 196 -19.92 0.86 10.30
CA SER A 196 -19.70 -0.24 9.36
C SER A 196 -20.36 -1.50 9.91
N VAL A 197 -21.69 -1.46 9.90
CA VAL A 197 -22.48 -2.62 10.29
C VAL A 197 -22.55 -3.53 9.08
N VAL A 198 -21.55 -4.39 8.94
CA VAL A 198 -21.46 -5.31 7.81
C VAL A 198 -22.37 -6.51 8.07
N PRO A 199 -22.75 -7.26 7.06
CA PRO A 199 -23.59 -8.44 7.29
C PRO A 199 -22.88 -9.43 8.21
N ARG A 200 -23.66 -10.31 8.81
CA ARG A 200 -23.17 -11.31 9.75
C ARG A 200 -22.67 -10.69 11.04
N ASP A 201 -22.99 -9.43 11.30
CA ASP A 201 -22.51 -8.74 12.48
C ASP A 201 -23.57 -8.75 13.58
N VAL A 202 -23.13 -9.04 14.80
CA VAL A 202 -23.99 -9.07 15.97
C VAL A 202 -24.01 -7.68 16.61
N VAL A 203 -25.20 -7.18 16.90
CA VAL A 203 -25.41 -5.78 17.25
C VAL A 203 -26.52 -5.68 18.29
N ARG A 204 -26.37 -4.70 19.19
CA ARG A 204 -27.43 -4.31 20.11
C ARG A 204 -27.93 -2.92 19.76
N HIS A 205 -29.23 -2.71 19.97
CA HIS A 205 -29.83 -1.41 19.77
C HIS A 205 -29.16 -0.40 20.69
N MET A 206 -28.96 0.81 20.19
CA MET A 206 -28.14 1.78 20.91
C MET A 206 -28.93 2.71 21.80
N ARG A 207 -30.26 2.64 21.81
CA ARG A 207 -31.04 3.58 22.59
C ARG A 207 -32.05 2.87 23.48
N SER A 208 -32.51 1.70 23.05
CA SER A 208 -33.45 0.94 23.85
C SER A 208 -32.78 0.49 25.15
N THR A 209 -33.59 0.41 26.21
CA THR A 209 -33.10 -0.10 27.49
C THR A 209 -32.81 -1.59 27.46
N ASP A 210 -33.23 -2.29 26.40
CA ASP A 210 -33.02 -3.72 26.29
C ASP A 210 -31.69 -4.00 25.63
N SER A 211 -30.86 -4.84 26.27
CA SER A 211 -29.56 -5.21 25.74
C SER A 211 -29.64 -6.38 24.75
N GLN A 212 -30.81 -6.59 24.16
CA GLN A 212 -31.01 -7.70 23.23
C GLN A 212 -30.04 -7.60 22.06
N CYS A 213 -29.50 -8.74 21.66
CA CYS A 213 -28.56 -8.84 20.56
C CYS A 213 -29.24 -9.45 19.33
N GLY A 214 -28.72 -9.09 18.15
CA GLY A 214 -29.27 -9.60 16.93
C GLY A 214 -28.22 -9.66 15.84
N THR A 215 -28.57 -10.35 14.77
CA THR A 215 -27.66 -10.59 13.64
C THR A 215 -28.06 -9.73 12.45
N VAL A 216 -27.07 -9.12 11.80
CA VAL A 216 -27.33 -8.23 10.68
C VAL A 216 -27.49 -9.07 9.42
N ILE A 217 -28.67 -9.02 8.81
CA ILE A 217 -28.93 -9.80 7.61
C ILE A 217 -28.41 -9.07 6.38
N ASP A 218 -28.93 -7.89 6.10
CA ASP A 218 -28.56 -7.14 4.92
C ASP A 218 -28.33 -5.68 5.30
N VAL A 219 -27.51 -5.00 4.50
CA VAL A 219 -27.10 -3.63 4.75
C VAL A 219 -27.27 -2.83 3.47
N ASN A 220 -27.71 -1.58 3.61
CA ASN A 220 -27.82 -0.65 2.49
C ASN A 220 -27.02 0.59 2.86
N ILE A 221 -26.07 0.96 2.01
CA ILE A 221 -25.20 2.10 2.24
C ILE A 221 -25.60 3.19 1.26
N ASP A 222 -26.10 4.30 1.78
CA ASP A 222 -26.33 5.50 0.99
C ASP A 222 -25.08 6.37 1.08
N CYS A 223 -24.43 6.57 -0.06
CA CYS A 223 -23.10 7.18 -0.06
C CYS A 223 -23.05 8.32 -1.05
N ALA A 224 -22.33 9.37 -0.68
CA ALA A 224 -22.00 10.46 -1.58
C ALA A 224 -20.80 10.07 -2.44
N VAL A 225 -20.76 10.63 -3.65
CA VAL A 225 -19.70 10.33 -4.60
C VAL A 225 -19.28 11.62 -5.29
N LYS A 226 -17.97 11.79 -5.46
CA LYS A 226 -17.40 12.93 -6.16
C LYS A 226 -16.71 12.44 -7.41
N LEU A 227 -16.95 13.13 -8.52
CA LEU A 227 -16.17 12.89 -9.72
C LEU A 227 -14.70 13.19 -9.44
N ILE A 228 -13.83 12.30 -9.91
CA ILE A 228 -12.43 12.34 -9.51
C ILE A 228 -11.74 13.55 -10.11
N GLY A 229 -10.97 14.27 -9.29
CA GLY A 229 -10.33 15.49 -9.71
C GLY A 229 -11.24 16.70 -9.69
N THR A 230 -12.50 16.54 -9.31
CA THR A 230 -13.49 17.60 -9.34
C THR A 230 -14.28 17.56 -8.03
N ASN A 231 -14.82 18.71 -7.66
CA ASN A 231 -15.63 18.83 -6.46
C ASN A 231 -17.13 18.75 -6.75
N CYS A 232 -17.51 18.16 -7.88
CA CYS A 232 -18.92 17.91 -8.18
C CYS A 232 -19.33 16.62 -7.46
N ILE A 233 -20.00 16.76 -6.33
CA ILE A 233 -20.32 15.63 -5.46
C ILE A 233 -21.79 15.30 -5.63
N ILE A 234 -22.06 14.08 -6.08
CA ILE A 234 -23.41 13.57 -6.25
C ILE A 234 -23.80 12.83 -4.97
N TYR A 235 -25.02 13.09 -4.49
CA TYR A 235 -25.46 12.51 -3.23
C TYR A 235 -26.95 12.74 -3.05
N PRO A 236 -27.71 11.77 -2.52
CA PRO A 236 -27.31 10.42 -2.12
C PRO A 236 -27.36 9.39 -3.24
N VAL A 237 -26.49 8.39 -3.17
CA VAL A 237 -26.45 7.27 -4.10
C VAL A 237 -26.30 5.99 -3.29
N ASN A 238 -26.71 4.88 -3.89
CA ASN A 238 -26.68 3.58 -3.21
C ASN A 238 -25.42 2.81 -3.60
N SER A 239 -24.86 2.09 -2.63
CA SER A 239 -23.59 1.40 -2.85
C SER A 239 -23.71 0.34 -3.92
N LYS A 240 -24.82 -0.41 -3.93
CA LYS A 240 -24.94 -1.56 -4.82
C LYS A 240 -25.00 -1.17 -6.28
N ASP A 241 -25.00 0.12 -6.61
CA ASP A 241 -24.94 0.58 -7.99
C ASP A 241 -23.53 0.90 -8.46
N LEU A 242 -22.64 1.30 -7.56
CA LEU A 242 -21.25 1.54 -7.92
C LEU A 242 -20.53 0.22 -8.20
N GLN A 243 -19.41 0.32 -8.91
CA GLN A 243 -18.62 -0.85 -9.28
C GLN A 243 -17.15 -0.56 -9.05
N HIS A 244 -16.37 -1.64 -8.97
CA HIS A 244 -14.94 -1.52 -8.79
C HIS A 244 -14.31 -0.94 -10.06
N ILE A 245 -12.99 -0.80 -10.02
CA ILE A 245 -12.22 -0.39 -11.20
C ILE A 245 -11.69 -1.64 -11.86
N TRP A 246 -10.85 -2.37 -11.15
CA TRP A 246 -10.24 -3.56 -11.71
C TRP A 246 -11.29 -4.65 -11.90
N PRO A 247 -11.20 -5.44 -12.97
CA PRO A 247 -12.15 -6.55 -13.12
C PRO A 247 -12.07 -7.57 -12.00
N PHE A 248 -10.92 -7.71 -11.34
CA PHE A 248 -10.73 -8.70 -10.30
C PHE A 248 -10.05 -8.05 -9.10
N MET A 249 -10.22 -8.67 -7.94
CA MET A 249 -9.61 -8.17 -6.73
C MET A 249 -9.35 -9.33 -5.78
N TYR A 250 -8.46 -9.10 -4.83
CA TYR A 250 -8.05 -10.13 -3.88
C TYR A 250 -9.28 -10.77 -3.25
N GLY A 251 -9.45 -12.07 -3.48
CA GLY A 251 -10.51 -12.84 -2.87
C GLY A 251 -11.74 -13.00 -3.74
N ASP A 252 -11.94 -12.15 -4.75
CA ASP A 252 -13.12 -12.24 -5.58
C ASP A 252 -13.26 -13.65 -6.12
N TYR A 253 -14.39 -14.28 -5.81
CA TYR A 253 -14.58 -15.67 -6.18
C TYR A 253 -14.56 -15.82 -7.69
N ILE A 254 -13.94 -16.89 -8.17
CA ILE A 254 -13.82 -17.15 -9.60
C ILE A 254 -14.18 -18.60 -9.86
N ALA A 255 -14.86 -18.83 -10.98
CA ALA A 255 -15.26 -20.17 -11.41
C ALA A 255 -14.63 -20.45 -12.76
N TYR A 256 -13.68 -21.38 -12.79
CA TYR A 256 -12.94 -21.69 -14.00
C TYR A 256 -13.03 -23.18 -14.28
N ASP A 257 -13.42 -23.53 -15.50
CA ASP A 257 -13.40 -24.90 -16.01
C ASP A 257 -13.87 -25.89 -14.93
N CYS A 258 -15.00 -25.56 -14.33
CA CYS A 258 -15.58 -26.40 -13.28
C CYS A 258 -14.64 -26.52 -12.08
N TRP A 259 -14.15 -25.37 -11.62
CA TRP A 259 -13.31 -25.30 -10.43
C TRP A 259 -13.49 -23.92 -9.81
N LEU A 260 -13.88 -23.90 -8.54
CA LEU A 260 -14.16 -22.67 -7.82
C LEU A 260 -12.98 -22.32 -6.93
N GLY A 261 -12.56 -21.06 -6.97
CA GLY A 261 -11.39 -20.66 -6.21
C GLY A 261 -11.39 -19.18 -5.89
N LYS A 262 -10.44 -18.81 -5.05
CA LYS A 262 -10.20 -17.42 -4.69
C LYS A 262 -8.92 -16.92 -5.36
N VAL A 263 -9.01 -15.79 -6.03
CA VAL A 263 -7.83 -15.16 -6.59
C VAL A 263 -7.00 -14.61 -5.45
N TYR A 264 -5.88 -15.27 -5.16
CA TYR A 264 -5.04 -14.87 -4.05
C TYR A 264 -4.10 -13.74 -4.44
N ASP A 265 -3.45 -13.86 -5.60
CA ASP A 265 -2.55 -12.82 -6.09
C ASP A 265 -2.66 -12.79 -7.61
N LEU A 266 -2.70 -11.58 -8.17
CA LEU A 266 -2.87 -11.38 -9.60
C LEU A 266 -2.05 -10.18 -10.06
N LYS A 267 -1.60 -10.22 -11.30
CA LYS A 267 -0.83 -9.15 -11.90
C LYS A 267 -1.67 -8.42 -12.92
N ASN A 268 -1.73 -7.09 -12.79
CA ASN A 268 -2.61 -6.23 -13.57
C ASN A 268 -1.81 -5.26 -14.43
N GLN A 269 -2.48 -4.74 -15.45
CA GLN A 269 -1.91 -3.83 -16.43
C GLN A 269 -2.56 -2.45 -16.32
N ILE A 270 -2.00 -1.51 -17.07
CA ILE A 270 -2.63 -0.22 -17.34
C ILE A 270 -2.47 0.03 -18.82
N ILE A 271 -3.58 0.21 -19.53
CA ILE A 271 -3.52 0.55 -20.95
C ILE A 271 -3.60 2.08 -21.05
N LEU A 272 -2.54 2.68 -21.56
CA LEU A 272 -2.40 4.12 -21.66
C LEU A 272 -2.51 4.57 -23.10
N LYS A 273 -3.13 5.74 -23.28
CA LYS A 273 -3.15 6.43 -24.56
C LYS A 273 -2.22 7.63 -24.47
N LEU A 274 -1.36 7.78 -25.45
CA LEU A 274 -0.33 8.81 -25.46
C LEU A 274 -0.82 10.04 -26.23
N SER A 275 -0.17 11.17 -25.95
CA SER A 275 -0.59 12.43 -26.56
C SER A 275 -0.57 12.34 -28.07
N ASN A 276 0.42 11.65 -28.63
CA ASN A 276 0.54 11.50 -30.07
C ASN A 276 -0.27 10.33 -30.61
N GLY A 277 -1.27 9.86 -29.87
CA GLY A 277 -2.17 8.84 -30.36
C GLY A 277 -1.69 7.42 -30.26
N ALA A 278 -0.79 7.11 -29.33
CA ALA A 278 -0.26 5.77 -29.18
C ALA A 278 -0.85 5.11 -27.94
N ARG A 279 -1.33 3.89 -28.11
CA ARG A 279 -1.87 3.09 -27.02
C ARG A 279 -0.89 1.97 -26.69
N CYS A 280 -0.52 1.88 -25.41
CA CYS A 280 0.47 0.93 -24.93
C CYS A 280 -0.06 0.24 -23.68
N SER A 281 0.48 -0.93 -23.38
CA SER A 281 0.12 -1.70 -22.18
C SER A 281 1.32 -1.72 -21.25
N MET A 282 1.23 -0.96 -20.16
CA MET A 282 2.30 -0.85 -19.18
C MET A 282 1.94 -1.69 -17.96
N ASN A 283 2.84 -2.59 -17.57
CA ASN A 283 2.61 -3.36 -16.36
C ASN A 283 2.69 -2.44 -15.15
N THR A 284 1.76 -2.62 -14.21
CA THR A 284 1.63 -1.68 -13.10
C THR A 284 2.94 -1.56 -12.33
N GLU A 285 3.79 -2.58 -12.37
CA GLU A 285 5.09 -2.46 -11.74
C GLU A 285 5.84 -1.24 -12.23
N ASP A 286 5.63 -0.87 -13.50
CA ASP A 286 6.14 0.39 -14.04
C ASP A 286 5.12 1.50 -13.93
N GLY A 287 3.83 1.17 -14.10
CA GLY A 287 2.79 2.19 -14.06
C GLY A 287 2.82 2.99 -12.77
N ALA A 288 3.24 2.37 -11.67
CA ALA A 288 3.36 3.11 -10.41
C ALA A 288 4.35 4.26 -10.53
N LYS A 289 5.28 4.19 -11.48
CA LYS A 289 6.25 5.25 -11.65
C LYS A 289 5.64 6.49 -12.29
N LEU A 290 4.59 6.34 -13.09
CA LEU A 290 3.92 7.49 -13.68
C LEU A 290 3.33 8.37 -12.58
N TYR A 291 3.51 9.68 -12.73
CA TYR A 291 3.06 10.62 -11.72
C TYR A 291 1.64 11.09 -12.00
N PHE A 310 -5.11 4.09 -10.00
CA PHE A 310 -5.41 4.09 -11.44
C PHE A 310 -6.89 3.87 -11.67
N TYR A 311 -7.37 4.37 -12.79
CA TYR A 311 -8.79 4.30 -13.13
C TYR A 311 -8.99 4.84 -14.54
N PRO A 312 -10.12 4.54 -15.18
CA PRO A 312 -10.38 5.14 -16.49
C PRO A 312 -10.40 6.67 -16.40
N GLY A 313 -9.85 7.31 -17.43
CA GLY A 313 -9.87 8.75 -17.54
C GLY A 313 -8.75 9.48 -16.82
N GLN A 314 -7.92 8.78 -16.08
CA GLN A 314 -6.83 9.43 -15.37
C GLN A 314 -5.85 10.04 -16.36
N VAL A 315 -5.16 11.09 -15.92
CA VAL A 315 -4.13 11.75 -16.71
C VAL A 315 -2.85 11.80 -15.89
N LEU A 316 -1.82 11.10 -16.36
CA LEU A 316 -0.52 11.02 -15.71
C LEU A 316 0.54 11.62 -16.62
N ILE A 317 1.73 11.82 -16.07
CA ILE A 317 2.88 12.28 -16.84
C ILE A 317 4.11 11.50 -16.36
N GLY A 318 4.95 11.10 -17.30
CA GLY A 318 6.12 10.32 -16.96
C GLY A 318 7.25 10.41 -17.97
N PRO A 319 8.49 10.24 -17.52
CA PRO A 319 9.61 10.22 -18.46
C PRO A 319 9.47 9.08 -19.46
N ALA A 320 9.93 9.34 -20.69
CA ALA A 320 9.76 8.37 -21.76
C ALA A 320 10.48 7.06 -21.45
N LYS A 321 11.53 7.11 -20.62
CA LYS A 321 12.28 5.91 -20.30
C LYS A 321 11.38 4.82 -19.74
N ILE A 322 10.37 5.19 -18.96
CA ILE A 322 9.48 4.20 -18.37
C ILE A 322 8.87 3.33 -19.44
N PHE A 323 8.65 3.88 -20.63
CA PHE A 323 8.01 3.15 -21.73
C PHE A 323 8.99 2.28 -22.49
N SER A 324 10.16 1.99 -21.92
CA SER A 324 11.10 1.11 -22.61
C SER A 324 10.55 -0.30 -22.73
N SER A 325 9.98 -0.83 -21.66
CA SER A 325 9.55 -2.23 -21.62
C SER A 325 8.06 -2.42 -21.90
N VAL A 326 7.31 -1.35 -22.17
CA VAL A 326 5.88 -1.48 -22.44
C VAL A 326 5.69 -2.14 -23.79
N GLN A 327 4.47 -2.56 -24.08
CA GLN A 327 4.12 -3.15 -25.36
C GLN A 327 3.23 -2.17 -26.10
N TRP A 328 3.67 -1.73 -27.27
CA TRP A 328 2.97 -0.70 -28.02
C TRP A 328 1.89 -1.37 -28.85
N LEU A 329 0.68 -1.42 -28.32
CA LEU A 329 -0.41 -2.03 -29.06
C LEU A 329 -0.71 -1.28 -30.34
N SER A 330 -0.72 0.05 -30.29
CA SER A 330 -1.12 0.80 -31.47
C SER A 330 -0.52 2.19 -31.46
N GLY A 331 -0.52 2.83 -32.62
CA GLY A 331 -0.05 4.19 -32.78
C GLY A 331 1.43 4.26 -33.12
N VAL A 332 1.84 5.47 -33.49
CA VAL A 332 3.23 5.70 -33.83
C VAL A 332 4.08 5.47 -32.59
N LYS A 333 4.99 4.50 -32.67
CA LYS A 333 5.85 4.20 -31.54
C LYS A 333 6.78 5.38 -31.32
N PRO A 334 6.77 6.01 -30.15
CA PRO A 334 7.52 7.25 -29.97
C PRO A 334 9.01 7.02 -29.79
N VAL A 335 9.77 8.09 -30.01
CA VAL A 335 11.21 8.09 -29.80
C VAL A 335 11.46 8.41 -28.34
N LEU A 336 11.97 7.44 -27.60
CA LEU A 336 12.13 7.54 -26.14
C LEU A 336 13.30 8.47 -25.81
N SER A 337 13.08 9.75 -26.06
CA SER A 337 14.03 10.77 -25.64
C SER A 337 13.97 10.95 -24.13
N THR A 338 15.10 11.39 -23.55
CA THR A 338 15.20 11.52 -22.11
C THR A 338 14.99 12.94 -21.60
N LYS A 339 14.92 13.93 -22.49
CA LYS A 339 14.86 15.32 -22.10
C LYS A 339 13.44 15.87 -22.00
N SER A 340 12.44 15.02 -22.18
CA SER A 340 11.05 15.45 -22.04
C SER A 340 10.19 14.23 -21.71
N LYS A 341 8.97 14.50 -21.26
CA LYS A 341 8.11 13.47 -20.67
C LYS A 341 6.80 13.35 -21.43
N PHE A 342 6.25 12.14 -21.46
CA PHE A 342 4.94 11.89 -22.00
C PHE A 342 3.85 12.35 -21.04
N ARG A 343 2.71 12.75 -21.60
CA ARG A 343 1.46 12.91 -20.87
C ARG A 343 0.48 11.88 -21.41
N VAL A 344 -0.05 11.05 -20.51
CA VAL A 344 -0.82 9.87 -20.89
C VAL A 344 -2.17 9.87 -20.21
N VAL A 345 -3.18 9.38 -20.91
CA VAL A 345 -4.46 9.05 -20.31
C VAL A 345 -4.48 7.56 -20.08
N VAL A 346 -5.35 7.11 -19.18
CA VAL A 346 -5.51 5.69 -18.88
C VAL A 346 -6.88 5.28 -19.40
N GLU A 347 -6.90 4.50 -20.48
CA GLU A 347 -8.19 4.07 -21.04
C GLU A 347 -8.82 2.98 -20.19
N GLU A 348 -8.02 2.03 -19.71
CA GLU A 348 -8.54 0.88 -19.00
C GLU A 348 -7.49 0.34 -18.04
N VAL A 349 -7.95 -0.45 -17.07
CA VAL A 349 -7.09 -1.23 -16.19
C VAL A 349 -7.50 -2.69 -16.34
N GLN A 350 -6.52 -3.54 -16.58
CA GLN A 350 -6.77 -4.93 -16.96
C GLN A 350 -6.03 -5.86 -16.02
N VAL A 351 -6.20 -7.17 -16.24
CA VAL A 351 -5.56 -8.21 -15.46
C VAL A 351 -4.70 -9.05 -16.39
N VAL A 352 -3.43 -9.23 -16.03
CA VAL A 352 -2.50 -10.00 -16.85
C VAL A 352 -2.65 -11.48 -16.53
N GLU A 353 -2.34 -11.84 -15.29
CA GLU A 353 -2.46 -13.22 -14.84
C GLU A 353 -2.82 -13.20 -13.36
N LEU A 354 -3.55 -14.23 -12.94
CA LEU A 354 -4.04 -14.33 -11.57
C LEU A 354 -3.65 -15.68 -10.99
N LYS A 355 -3.27 -15.67 -9.71
CA LYS A 355 -2.95 -16.87 -8.97
C LYS A 355 -4.17 -17.30 -8.17
N VAL A 356 -4.43 -18.60 -8.14
CA VAL A 356 -5.61 -19.13 -7.47
C VAL A 356 -5.16 -20.23 -6.50
N THR A 357 -6.03 -20.53 -5.54
CA THR A 357 -5.80 -21.59 -4.57
C THR A 357 -6.60 -22.85 -4.85
N TRP A 358 -7.81 -22.71 -5.40
CA TRP A 358 -8.63 -23.86 -5.78
C TRP A 358 -8.92 -24.74 -4.56
N ILE A 359 -9.67 -24.15 -3.62
CA ILE A 359 -9.94 -24.80 -2.35
C ILE A 359 -10.85 -26.02 -2.53
N THR A 360 -11.82 -25.94 -3.44
CA THR A 360 -12.73 -27.05 -3.67
C THR A 360 -13.37 -26.89 -5.05
N LYS A 361 -14.42 -27.66 -5.30
CA LYS A 361 -15.08 -27.66 -6.58
C LYS A 361 -16.54 -28.08 -6.40
N SER A 362 -17.30 -27.98 -7.49
CA SER A 362 -18.70 -28.37 -7.49
C SER A 362 -18.83 -29.87 -7.22
N VAL A 371 -10.59 -33.89 -11.05
CA VAL A 371 -9.75 -34.90 -10.42
C VAL A 371 -8.52 -34.24 -9.82
N SER A 372 -7.94 -33.29 -10.55
CA SER A 372 -6.77 -32.56 -10.09
C SER A 372 -7.00 -31.07 -10.27
N PRO A 373 -6.40 -30.24 -9.41
CA PRO A 373 -6.61 -28.81 -9.53
C PRO A 373 -5.91 -28.26 -10.76
N PRO A 374 -6.41 -27.17 -11.35
CA PRO A 374 -5.69 -26.54 -12.44
C PRO A 374 -4.49 -25.78 -11.93
N PRO A 375 -3.61 -25.31 -12.81
CA PRO A 375 -2.38 -24.66 -12.35
C PRO A 375 -2.68 -23.45 -11.48
N SER A 376 -1.81 -23.22 -10.50
CA SER A 376 -2.06 -22.17 -9.52
C SER A 376 -2.21 -20.80 -10.18
N VAL A 377 -1.62 -20.61 -11.34
CA VAL A 377 -1.61 -19.32 -12.03
C VAL A 377 -2.28 -19.48 -13.39
N ILE A 378 -3.22 -18.60 -13.69
CA ILE A 378 -3.88 -18.55 -14.99
C ILE A 378 -3.48 -17.26 -15.67
N THR A 379 -2.91 -17.37 -16.87
CA THR A 379 -2.44 -16.21 -17.61
C THR A 379 -3.48 -15.81 -18.66
N GLN A 380 -3.19 -14.72 -19.38
CA GLN A 380 -4.17 -14.18 -20.32
C GLN A 380 -4.58 -15.22 -21.36
N GLU A 381 -3.65 -16.09 -21.75
CA GLU A 381 -3.95 -17.07 -22.78
C GLU A 381 -5.17 -17.91 -22.43
N ASN A 382 -5.42 -18.12 -21.13
CA ASN A 382 -6.57 -18.89 -20.68
C ASN A 382 -7.46 -18.10 -19.72
N LEU A 383 -7.14 -16.84 -19.44
CA LEU A 383 -7.94 -16.06 -18.51
C LEU A 383 -9.37 -15.85 -19.02
N GLY A 384 -9.58 -15.94 -20.34
CA GLY A 384 -10.92 -15.80 -20.87
C GLY A 384 -11.90 -16.83 -20.33
N ARG A 385 -11.39 -17.95 -19.84
CA ARG A 385 -12.26 -18.96 -19.22
C ARG A 385 -12.71 -18.54 -17.83
N VAL A 386 -12.11 -17.51 -17.24
CA VAL A 386 -12.44 -17.12 -15.87
C VAL A 386 -13.67 -16.23 -15.90
N LYS A 387 -14.73 -16.68 -15.24
CA LYS A 387 -15.94 -15.89 -15.04
C LYS A 387 -16.06 -15.58 -13.55
N ARG A 388 -16.22 -14.30 -13.23
CA ARG A 388 -16.18 -13.85 -11.86
C ARG A 388 -17.55 -14.04 -11.20
N LEU A 389 -17.55 -14.61 -9.99
CA LEU A 389 -18.77 -14.78 -9.21
C LEU A 389 -19.02 -13.48 -8.44
N GLY A 390 -19.46 -12.46 -9.18
CA GLY A 390 -19.83 -11.20 -8.58
C GLY A 390 -21.11 -11.26 -7.76
N CYS A 391 -21.85 -12.36 -7.85
CA CYS A 391 -23.03 -12.51 -7.01
C CYS A 391 -22.64 -12.43 -5.53
N PHE A 392 -21.46 -12.92 -5.18
CA PHE A 392 -20.98 -12.91 -3.80
C PHE A 392 -20.21 -11.63 -3.47
N ASP A 393 -20.78 -10.47 -3.75
CA ASP A 393 -20.14 -9.21 -3.46
C ASP A 393 -20.51 -8.74 -2.05
N HIS A 394 -19.51 -8.60 -1.19
CA HIS A 394 -19.65 -7.92 0.08
C HIS A 394 -18.69 -6.72 0.16
N ALA A 395 -18.22 -6.25 -1.00
CA ALA A 395 -17.31 -5.10 -1.05
C ALA A 395 -18.09 -3.81 -0.84
N GLN A 396 -18.73 -3.72 0.33
CA GLN A 396 -19.57 -2.58 0.63
C GLN A 396 -18.73 -1.30 0.68
N ARG A 397 -19.27 -0.25 0.07
CA ARG A 397 -18.50 0.98 -0.13
C ARG A 397 -17.92 1.49 1.17
N GLN A 398 -16.66 1.89 1.10
CA GLN A 398 -15.94 2.49 2.21
C GLN A 398 -15.48 3.89 1.81
N LEU A 399 -15.45 4.81 2.76
CA LEU A 399 -15.03 6.17 2.46
C LEU A 399 -13.65 6.17 1.85
N GLY A 400 -13.53 6.77 0.67
CA GLY A 400 -12.30 6.74 -0.08
C GLY A 400 -12.17 5.62 -1.08
N GLU A 401 -13.11 4.67 -1.10
CA GLU A 401 -13.08 3.63 -2.11
C GLU A 401 -13.29 4.24 -3.48
N ARG A 402 -12.57 3.70 -4.47
CA ARG A 402 -12.47 4.29 -5.78
C ARG A 402 -13.30 3.46 -6.75
N CYS A 403 -14.43 4.01 -7.20
CA CYS A 403 -15.44 3.20 -7.86
C CYS A 403 -15.78 3.79 -9.22
N LEU A 404 -16.65 3.09 -9.93
CA LEU A 404 -17.20 3.53 -11.20
C LEU A 404 -18.66 3.88 -11.01
N TYR A 405 -18.99 5.16 -11.09
CA TYR A 405 -20.36 5.59 -11.06
C TYR A 405 -21.05 5.27 -12.38
N VAL A 406 -22.30 4.84 -12.30
CA VAL A 406 -23.13 4.60 -13.47
C VAL A 406 -24.22 5.68 -13.49
N PHE A 407 -24.28 6.43 -14.57
CA PHE A 407 -25.25 7.50 -14.67
C PHE A 407 -26.66 6.93 -14.82
N PRO A 408 -27.69 7.63 -14.30
CA PRO A 408 -29.06 7.13 -14.39
C PRO A 408 -29.64 7.19 -15.80
N ASP A 592 -23.60 5.91 -19.86
CA ASP A 592 -22.39 6.65 -19.51
C ASP A 592 -21.94 6.28 -18.09
N ARG A 593 -20.67 5.86 -17.97
CA ARG A 593 -20.09 5.47 -16.69
C ARG A 593 -18.76 6.19 -16.52
N VAL A 594 -18.51 6.66 -15.30
CA VAL A 594 -17.37 7.52 -14.98
C VAL A 594 -16.69 6.97 -13.73
N ALA A 595 -15.61 7.63 -13.33
CA ALA A 595 -14.86 7.24 -12.14
C ALA A 595 -15.14 8.23 -11.01
N VAL A 596 -15.45 7.70 -9.83
CA VAL A 596 -15.87 8.50 -8.69
C VAL A 596 -15.17 7.99 -7.43
N GLU A 597 -15.22 8.80 -6.39
CA GLU A 597 -14.69 8.45 -5.08
C GLU A 597 -15.71 8.81 -4.02
N VAL A 598 -15.93 7.90 -3.08
CA VAL A 598 -16.96 8.10 -2.06
C VAL A 598 -16.53 9.20 -1.10
N VAL A 599 -17.49 10.00 -0.66
CA VAL A 599 -17.22 11.15 0.20
C VAL A 599 -17.84 10.97 1.58
N THR A 600 -19.08 10.51 1.67
CA THR A 600 -19.73 10.27 2.95
C THR A 600 -20.67 9.08 2.80
N THR A 601 -20.96 8.44 3.94
CA THR A 601 -21.70 7.19 3.96
C THR A 601 -22.76 7.21 5.04
N MET A 602 -23.82 6.42 4.83
CA MET A 602 -24.91 6.26 5.79
C MET A 602 -25.38 4.81 5.68
N THR A 603 -25.17 4.03 6.73
CA THR A 603 -25.45 2.60 6.71
C THR A 603 -26.75 2.33 7.46
N SER A 604 -27.73 1.78 6.76
CA SER A 604 -28.96 1.32 7.37
C SER A 604 -29.11 -0.16 7.08
N ALA A 605 -29.27 -0.97 8.12
CA ALA A 605 -29.20 -2.42 7.98
C ALA A 605 -30.40 -3.06 8.65
N ASP A 606 -30.74 -4.25 8.17
CA ASP A 606 -31.78 -5.07 8.77
C ASP A 606 -31.15 -5.97 9.83
N VAL A 607 -31.74 -5.97 11.03
CA VAL A 607 -31.21 -6.74 12.15
C VAL A 607 -32.30 -7.69 12.61
N MET A 608 -32.00 -8.99 12.59
CA MET A 608 -32.86 -10.02 13.16
C MET A 608 -32.53 -10.12 14.65
N TRP A 609 -33.46 -9.69 15.48
CA TRP A 609 -33.22 -9.69 16.92
C TRP A 609 -33.47 -11.08 17.51
N GLN A 610 -32.98 -11.27 18.73
CA GLN A 610 -33.08 -12.58 19.37
C GLN A 610 -34.53 -12.99 19.55
N ASP A 611 -35.41 -12.04 19.87
CA ASP A 611 -36.81 -12.34 20.06
C ASP A 611 -37.43 -12.80 18.75
N GLY A 612 -36.73 -12.60 17.64
CA GLY A 612 -37.17 -13.05 16.34
C GLY A 612 -37.77 -11.97 15.46
N SER A 613 -37.90 -10.75 15.96
CA SER A 613 -38.44 -9.67 15.15
C SER A 613 -37.42 -9.23 14.11
N VAL A 614 -37.85 -9.16 12.86
CA VAL A 614 -37.01 -8.72 11.76
C VAL A 614 -37.33 -7.26 11.49
N GLU A 615 -36.52 -6.37 12.05
CA GLU A 615 -36.71 -4.94 11.91
C GLU A 615 -35.82 -4.43 10.78
N CYS A 616 -36.44 -3.77 9.80
CA CYS A 616 -35.76 -3.33 8.60
C CYS A 616 -35.54 -1.83 8.62
N ASN A 617 -34.54 -1.38 7.86
CA ASN A 617 -34.20 0.03 7.74
C ASN A 617 -33.90 0.64 9.11
N ILE A 618 -32.84 0.14 9.74
CA ILE A 618 -32.35 0.65 11.01
C ILE A 618 -31.08 1.43 10.73
N ARG A 619 -31.11 2.74 10.97
CA ARG A 619 -29.89 3.52 10.87
C ARG A 619 -28.85 2.96 11.81
N SER A 620 -27.64 2.76 11.31
CA SER A 620 -26.61 2.09 12.09
C SER A 620 -26.13 2.92 13.27
N ASN A 621 -26.48 4.20 13.34
CA ASN A 621 -26.13 4.98 14.52
C ASN A 621 -26.96 4.62 15.73
N ASP A 622 -28.09 3.91 15.54
CA ASP A 622 -28.88 3.37 16.64
C ASP A 622 -28.53 1.93 16.95
N LEU A 623 -27.55 1.36 16.24
CA LEU A 623 -27.10 -0.01 16.44
C LEU A 623 -25.60 0.00 16.66
N PHE A 624 -25.12 -0.76 17.64
CA PHE A 624 -23.67 -0.87 17.77
C PHE A 624 -23.26 -2.33 17.89
N PRO A 625 -22.09 -2.69 17.35
CA PRO A 625 -21.74 -4.10 17.26
C PRO A 625 -21.36 -4.68 18.60
N VAL A 626 -21.18 -6.00 18.61
CA VAL A 626 -20.76 -6.72 19.79
C VAL A 626 -19.42 -7.37 19.46
N HIS A 627 -18.35 -6.92 20.11
CA HIS A 627 -17.05 -7.54 19.88
C HIS A 627 -16.97 -8.92 20.50
N HIS A 628 -17.40 -9.07 21.75
CA HIS A 628 -17.18 -10.29 22.51
C HIS A 628 -18.53 -10.86 22.96
N LEU A 629 -19.13 -11.68 22.12
CA LEU A 629 -20.37 -12.37 22.44
C LEU A 629 -20.09 -13.61 23.25
N ASP A 630 -20.85 -13.81 24.33
CA ASP A 630 -20.71 -15.04 25.10
C ASP A 630 -21.02 -16.24 24.23
N ASN A 631 -20.24 -17.31 24.41
CA ASN A 631 -20.33 -18.46 23.53
C ASN A 631 -21.70 -19.10 23.54
N ASN A 632 -22.49 -18.88 24.60
CA ASN A 632 -23.78 -19.54 24.72
C ASN A 632 -24.92 -18.75 24.07
N GLU A 633 -24.76 -17.45 23.86
CA GLU A 633 -25.80 -16.67 23.23
C GLU A 633 -26.09 -17.20 21.84
N PHE A 634 -27.27 -17.79 21.66
CA PHE A 634 -27.71 -18.30 20.37
C PHE A 634 -28.69 -17.33 19.74
N CYS A 635 -28.33 -16.79 18.67
CA CYS A 635 -29.24 -16.02 17.88
C CYS A 635 -30.14 -16.95 17.07
N PRO A 636 -31.30 -16.49 16.62
CA PRO A 636 -32.16 -17.35 15.81
C PRO A 636 -31.44 -17.87 14.58
N GLY A 637 -31.64 -19.15 14.27
CA GLY A 637 -31.03 -19.78 13.13
C GLY A 637 -29.82 -20.63 13.43
N ASP A 638 -29.25 -20.54 14.63
CA ASP A 638 -28.12 -21.38 14.98
C ASP A 638 -28.53 -22.85 15.00
N PHE A 639 -27.61 -23.72 14.60
CA PHE A 639 -27.79 -25.17 14.68
C PHE A 639 -27.12 -25.64 15.96
N VAL A 640 -27.92 -26.12 16.90
CA VAL A 640 -27.42 -26.44 18.23
C VAL A 640 -27.92 -27.81 18.66
N VAL A 641 -27.20 -28.40 19.61
CA VAL A 641 -27.43 -29.76 20.08
C VAL A 641 -27.56 -29.75 21.59
N ASP A 642 -28.49 -30.57 22.10
CA ASP A 642 -28.65 -30.72 23.53
C ASP A 642 -27.36 -31.29 24.11
N LYS A 643 -27.08 -30.94 25.37
CA LYS A 643 -25.80 -31.26 25.98
C LYS A 643 -25.97 -31.72 27.41
N ARG A 644 -27.20 -32.03 27.83
CA ARG A 644 -27.43 -32.39 29.22
C ARG A 644 -26.76 -33.71 29.56
N VAL A 645 -26.50 -33.91 30.86
CA VAL A 645 -25.73 -35.06 31.31
C VAL A 645 -26.40 -36.36 30.86
N GLN A 646 -27.73 -36.43 30.96
CA GLN A 646 -28.44 -37.67 30.71
C GLN A 646 -29.35 -37.61 29.49
N SER A 647 -30.01 -36.49 29.26
CA SER A 647 -31.01 -36.43 28.20
C SER A 647 -30.36 -36.56 26.82
N CYS A 648 -31.13 -37.11 25.88
CA CYS A 648 -30.77 -37.15 24.47
C CYS A 648 -29.46 -37.90 24.23
N PRO A 649 -29.41 -39.20 24.49
CA PRO A 649 -28.22 -39.97 24.10
C PRO A 649 -27.99 -39.98 22.59
N ASP A 650 -29.05 -39.92 21.80
CA ASP A 650 -28.91 -40.01 20.36
C ASP A 650 -28.09 -38.83 19.83
N PRO A 651 -27.04 -39.06 19.05
CA PRO A 651 -26.30 -37.93 18.46
C PRO A 651 -26.94 -37.39 17.19
N ALA A 652 -27.79 -38.15 16.52
CA ALA A 652 -28.45 -37.66 15.32
C ALA A 652 -29.48 -36.57 15.61
N VAL A 653 -29.88 -36.41 16.87
CA VAL A 653 -30.83 -35.39 17.25
C VAL A 653 -30.10 -34.05 17.34
N TYR A 654 -30.55 -33.08 16.55
CA TYR A 654 -29.98 -31.74 16.57
C TYR A 654 -31.10 -30.72 16.68
N GLY A 655 -30.74 -29.47 16.90
CA GLY A 655 -31.74 -28.44 17.15
C GLY A 655 -31.38 -27.14 16.46
N VAL A 656 -32.41 -26.38 16.11
CA VAL A 656 -32.25 -25.05 15.55
C VAL A 656 -33.07 -24.07 16.39
N VAL A 657 -32.43 -23.00 16.82
CA VAL A 657 -33.05 -22.07 17.78
C VAL A 657 -33.91 -21.07 17.05
N GLN A 658 -34.97 -20.60 17.72
CA GLN A 658 -35.91 -19.66 17.13
C GLN A 658 -36.09 -18.38 17.90
N SER A 659 -35.86 -18.38 19.21
CA SER A 659 -35.88 -17.13 19.94
C SER A 659 -35.29 -17.35 21.32
N GLY A 660 -34.59 -16.34 21.81
CA GLY A 660 -34.08 -16.37 23.17
C GLY A 660 -34.34 -15.06 23.88
N ASP A 661 -35.12 -15.11 24.95
CA ASP A 661 -35.32 -13.93 25.79
C ASP A 661 -34.01 -13.61 26.49
N HIS A 662 -33.34 -12.55 26.05
CA HIS A 662 -32.00 -12.25 26.55
C HIS A 662 -31.97 -12.24 28.06
N ILE A 663 -32.90 -11.51 28.69
CA ILE A 663 -32.92 -11.44 30.14
C ILE A 663 -33.20 -12.81 30.73
N GLY A 664 -34.03 -13.60 30.07
CA GLY A 664 -34.38 -14.92 30.59
C GLY A 664 -33.30 -15.95 30.45
N ARG A 665 -32.38 -15.78 29.51
CA ARG A 665 -31.31 -16.76 29.28
C ARG A 665 -31.88 -18.12 28.91
N THR A 666 -33.13 -18.15 28.47
CA THR A 666 -33.79 -19.37 28.01
C THR A 666 -34.11 -19.23 26.53
N CYS A 667 -33.65 -20.20 25.74
CA CYS A 667 -33.84 -20.19 24.29
C CYS A 667 -34.76 -21.30 23.89
N MET A 668 -35.73 -20.98 23.03
CA MET A 668 -36.60 -21.99 22.45
C MET A 668 -35.95 -22.54 21.19
N VAL A 669 -35.89 -23.87 21.12
CA VAL A 669 -35.20 -24.56 20.03
C VAL A 669 -36.11 -25.67 19.52
N LYS A 670 -36.17 -25.81 18.20
CA LYS A 670 -36.90 -26.91 17.58
C LYS A 670 -35.94 -28.07 17.37
N TRP A 671 -36.34 -29.25 17.84
CA TRP A 671 -35.53 -30.44 17.71
C TRP A 671 -35.93 -31.20 16.46
N PHE A 672 -34.95 -31.40 15.57
CA PHE A 672 -35.06 -32.19 14.36
C PHE A 672 -34.09 -33.37 14.43
N LYS A 673 -34.32 -34.33 13.54
CA LYS A 673 -33.37 -35.40 13.30
C LYS A 673 -33.51 -35.83 11.85
N LEU A 674 -32.46 -36.46 11.34
CA LEU A 674 -32.45 -36.90 9.95
C LEU A 674 -33.16 -38.25 9.83
N ARG A 675 -33.99 -38.38 8.81
CA ARG A 675 -34.63 -39.66 8.52
C ARG A 675 -33.55 -40.68 8.17
N PRO A 676 -33.67 -41.92 8.65
CA PRO A 676 -32.66 -42.92 8.29
C PRO A 676 -32.48 -43.11 6.79
N SER A 677 -33.55 -42.96 6.02
CA SER A 677 -33.50 -43.13 4.58
C SER A 677 -34.07 -41.90 3.90
N GLY A 678 -33.55 -41.59 2.72
CA GLY A 678 -34.00 -40.45 1.96
C GLY A 678 -33.47 -39.14 2.50
N ASP A 679 -33.27 -38.16 1.62
CA ASP A 679 -32.78 -36.84 2.02
C ASP A 679 -33.93 -36.01 2.62
N ASP A 680 -34.41 -36.49 3.77
CA ASP A 680 -35.51 -35.86 4.48
C ASP A 680 -35.15 -35.74 5.96
N VAL A 681 -35.92 -34.92 6.66
CA VAL A 681 -35.69 -34.66 8.08
C VAL A 681 -36.97 -34.98 8.84
N GLU A 682 -36.80 -35.42 10.09
CA GLU A 682 -37.91 -35.78 10.95
C GLU A 682 -37.97 -34.78 12.11
N LEU A 683 -39.14 -34.19 12.31
CA LEU A 683 -39.32 -33.20 13.37
C LEU A 683 -39.55 -33.89 14.70
N ILE A 684 -38.60 -33.73 15.62
CA ILE A 684 -38.76 -34.28 16.95
C ILE A 684 -39.77 -33.49 17.76
N GLY A 685 -39.57 -32.18 17.86
CA GLY A 685 -40.45 -31.41 18.72
C GLY A 685 -40.12 -29.93 18.67
N GLU A 686 -40.90 -29.17 19.44
CA GLU A 686 -40.83 -27.72 19.49
C GLU A 686 -40.59 -27.25 20.91
N GLU A 687 -39.71 -27.93 21.64
CA GLU A 687 -39.49 -27.59 23.04
C GLU A 687 -39.06 -26.14 23.18
N GLU A 688 -39.65 -25.44 24.14
CA GLU A 688 -39.35 -24.04 24.40
C GLU A 688 -38.97 -23.88 25.87
N ASP A 689 -38.36 -22.74 26.17
CA ASP A 689 -37.84 -22.46 27.51
C ASP A 689 -36.73 -23.45 27.87
N VAL A 690 -35.70 -23.48 27.02
CA VAL A 690 -34.57 -24.38 27.20
C VAL A 690 -33.36 -23.55 27.57
N SER A 691 -32.68 -23.94 28.65
CA SER A 691 -31.48 -23.23 29.06
C SER A 691 -30.44 -23.27 27.95
N VAL A 692 -29.90 -22.09 27.62
CA VAL A 692 -28.79 -22.03 26.68
C VAL A 692 -27.60 -22.79 27.23
N TYR A 693 -27.47 -22.84 28.56
CA TYR A 693 -26.37 -23.57 29.16
C TYR A 693 -26.43 -25.06 28.86
N ASP A 694 -27.64 -25.58 28.62
CA ASP A 694 -27.83 -26.97 28.24
C ASP A 694 -27.77 -27.18 26.73
N ILE A 695 -27.46 -26.14 25.97
CA ILE A 695 -27.40 -26.19 24.52
C ILE A 695 -25.98 -25.85 24.08
N ALA A 696 -25.52 -26.48 23.01
CA ALA A 696 -24.17 -26.24 22.51
C ALA A 696 -24.18 -26.11 21.00
N ASP A 697 -23.28 -25.28 20.47
CA ASP A 697 -23.19 -25.12 19.03
C ASP A 697 -22.92 -26.47 18.37
N HIS A 698 -23.67 -26.75 17.32
CA HIS A 698 -23.51 -28.02 16.64
C HIS A 698 -22.11 -28.10 16.04
N PRO A 699 -21.39 -29.22 16.22
CA PRO A 699 -20.01 -29.26 15.72
C PRO A 699 -19.91 -28.96 14.23
N ASP A 700 -20.84 -29.48 13.44
CA ASP A 700 -21.01 -29.11 12.03
C ASP A 700 -22.29 -28.31 11.88
N PHE A 701 -22.60 -27.97 10.63
CA PHE A 701 -23.84 -27.29 10.29
C PHE A 701 -23.90 -25.87 10.87
N ARG A 702 -22.85 -25.09 10.68
CA ARG A 702 -22.87 -23.67 10.99
C ARG A 702 -23.18 -22.89 9.72
N PHE A 703 -24.28 -22.13 9.73
CA PHE A 703 -24.71 -21.33 8.59
C PHE A 703 -25.15 -19.96 9.09
N ARG A 704 -24.23 -19.01 9.10
CA ARG A 704 -24.56 -17.64 9.43
C ARG A 704 -25.22 -16.97 8.22
N THR A 705 -25.41 -15.66 8.32
CA THR A 705 -26.03 -14.93 7.22
C THR A 705 -24.99 -14.58 6.16
N THR A 706 -25.40 -14.72 4.90
CA THR A 706 -24.58 -14.40 3.73
C THR A 706 -23.19 -15.03 3.78
N ASP A 707 -23.12 -16.30 4.17
CA ASP A 707 -21.93 -17.10 3.91
C ASP A 707 -22.05 -17.78 2.56
N ILE A 708 -20.90 -18.05 1.94
CA ILE A 708 -20.83 -18.76 0.68
C ILE A 708 -20.67 -20.25 0.99
N VAL A 709 -21.53 -21.08 0.42
CA VAL A 709 -21.55 -22.50 0.72
C VAL A 709 -21.49 -23.29 -0.58
N ILE A 710 -21.02 -24.52 -0.48
CA ILE A 710 -20.89 -25.44 -1.61
C ILE A 710 -21.77 -26.64 -1.35
N ARG A 711 -22.36 -27.17 -2.42
CA ARG A 711 -23.23 -28.34 -2.30
C ARG A 711 -22.40 -29.61 -2.25
N ILE A 712 -22.75 -30.48 -1.32
CA ILE A 712 -22.08 -31.78 -1.21
C ILE A 712 -22.80 -32.77 -2.11
N GLY A 713 -22.04 -33.44 -2.98
CA GLY A 713 -22.60 -34.41 -3.90
C GLY A 713 -23.24 -35.58 -3.20
N GLU A 725 -26.43 -28.77 -11.82
CA GLU A 725 -27.19 -28.33 -10.67
C GLU A 725 -26.48 -27.17 -9.97
N PRO A 726 -27.20 -26.44 -9.11
CA PRO A 726 -26.56 -25.35 -8.36
C PRO A 726 -25.41 -25.87 -7.52
N SER A 727 -24.35 -25.06 -7.44
CA SER A 727 -23.14 -25.43 -6.72
C SER A 727 -22.65 -24.38 -5.74
N VAL A 728 -23.23 -23.18 -5.75
CA VAL A 728 -22.79 -22.11 -4.86
C VAL A 728 -24.02 -21.35 -4.34
N GLY A 729 -23.81 -20.40 -3.46
CA GLY A 729 -24.90 -19.58 -2.96
C GLY A 729 -24.47 -18.74 -1.79
N GLN A 730 -25.40 -17.92 -1.33
CA GLN A 730 -25.22 -17.07 -0.15
C GLN A 730 -26.27 -17.47 0.88
N VAL A 731 -25.85 -18.14 1.96
CA VAL A 731 -26.81 -18.54 2.99
C VAL A 731 -27.22 -17.27 3.74
N ALA A 732 -28.48 -16.86 3.58
CA ALA A 732 -28.94 -15.57 4.07
C ALA A 732 -29.98 -15.67 5.18
N ARG A 733 -30.73 -16.76 5.25
CA ARG A 733 -31.67 -16.97 6.34
C ARG A 733 -31.66 -18.44 6.71
N VAL A 734 -32.03 -18.73 7.95
CA VAL A 734 -32.18 -20.10 8.43
C VAL A 734 -33.66 -20.36 8.62
N ASP A 735 -34.16 -21.41 7.95
CA ASP A 735 -35.59 -21.67 7.94
C ASP A 735 -36.07 -22.05 9.33
N VAL A 736 -37.39 -21.95 9.51
CA VAL A 736 -38.02 -22.49 10.71
C VAL A 736 -37.87 -24.01 10.74
N SER A 737 -37.92 -24.64 9.57
CA SER A 737 -37.79 -26.08 9.45
C SER A 737 -36.35 -26.56 9.49
N SER A 738 -35.41 -25.71 9.89
CA SER A 738 -33.98 -26.00 10.01
C SER A 738 -33.30 -26.14 8.65
N LYS A 739 -34.00 -25.88 7.55
CA LYS A 739 -33.39 -25.98 6.24
C LYS A 739 -32.62 -24.69 5.95
N VAL A 740 -31.36 -24.83 5.55
CA VAL A 740 -30.58 -23.67 5.15
C VAL A 740 -31.09 -23.17 3.81
N GLU A 741 -31.29 -21.85 3.72
CA GLU A 741 -32.04 -21.22 2.64
C GLU A 741 -31.45 -21.39 1.26
N VAL A 742 -30.16 -21.18 1.08
CA VAL A 742 -29.63 -20.73 -0.21
C VAL A 742 -28.70 -21.76 -0.81
N VAL A 743 -29.03 -22.21 -2.02
CA VAL A 743 -28.10 -22.83 -2.95
C VAL A 743 -28.42 -22.26 -4.33
N TRP A 744 -27.61 -21.29 -4.77
CA TRP A 744 -27.96 -20.45 -5.92
C TRP A 744 -27.20 -20.92 -7.16
N ALA A 745 -27.95 -21.22 -8.22
CA ALA A 745 -27.36 -21.21 -9.56
C ALA A 745 -27.45 -19.81 -10.15
N ASP A 746 -28.64 -19.23 -10.17
CA ASP A 746 -28.82 -17.81 -10.45
C ASP A 746 -30.08 -17.37 -9.71
N ASN A 747 -29.91 -16.89 -8.49
CA ASN A 747 -31.01 -16.38 -7.67
C ASN A 747 -32.14 -17.41 -7.58
N SER A 748 -31.77 -18.66 -7.29
CA SER A 748 -32.76 -19.74 -7.23
C SER A 748 -33.64 -19.63 -5.99
N LYS A 749 -33.05 -19.37 -4.82
CA LYS A 749 -33.77 -19.30 -3.56
C LYS A 749 -34.49 -20.63 -3.28
N THR A 750 -33.70 -21.67 -3.11
CA THR A 750 -34.21 -23.03 -2.87
C THR A 750 -33.73 -23.51 -1.52
N ILE A 751 -34.67 -23.89 -0.64
CA ILE A 751 -34.34 -24.36 0.70
C ILE A 751 -33.69 -25.75 0.60
N ILE A 752 -32.65 -25.97 1.40
CA ILE A 752 -31.97 -27.25 1.46
C ILE A 752 -31.52 -27.50 2.90
N LEU A 753 -31.41 -28.78 3.25
CA LEU A 753 -30.99 -29.17 4.60
C LEU A 753 -29.48 -29.12 4.75
N PRO A 754 -28.97 -29.07 5.98
CA PRO A 754 -27.52 -29.11 6.18
C PRO A 754 -26.87 -30.41 5.75
N GLN A 755 -27.65 -31.43 5.41
CA GLN A 755 -27.08 -32.75 5.17
C GLN A 755 -26.02 -32.73 4.08
N HIS A 756 -26.09 -31.77 3.14
CA HIS A 756 -25.16 -31.73 2.03
C HIS A 756 -24.72 -30.29 1.72
N LEU A 757 -24.35 -29.54 2.75
CA LEU A 757 -23.76 -28.22 2.58
C LEU A 757 -22.41 -28.13 3.29
N TYR A 758 -21.45 -27.49 2.63
CA TYR A 758 -20.15 -27.19 3.20
C TYR A 758 -19.98 -25.67 3.26
N ASN A 759 -19.61 -25.16 4.43
CA ASN A 759 -19.48 -23.74 4.65
C ASN A 759 -18.03 -23.31 4.46
N ILE A 760 -17.84 -22.15 3.85
CA ILE A 760 -16.51 -21.62 3.59
C ILE A 760 -16.47 -20.14 3.97
N VAL A 978 1.38 -31.77 50.24
CA VAL A 978 2.84 -31.80 50.20
C VAL A 978 3.32 -32.81 49.17
N PHE A 979 4.61 -32.78 48.87
CA PHE A 979 5.15 -33.68 47.87
C PHE A 979 4.94 -35.14 48.27
N SER A 980 4.97 -36.01 47.27
CA SER A 980 4.84 -37.44 47.48
C SER A 980 5.31 -38.15 46.23
N VAL A 981 5.44 -39.47 46.32
CA VAL A 981 5.87 -40.30 45.20
C VAL A 981 5.14 -41.63 45.26
N LEU A 982 5.14 -42.35 44.15
CA LEU A 982 4.62 -43.70 44.09
C LEU A 982 5.59 -44.56 43.29
N GLU A 983 5.55 -45.86 43.54
CA GLU A 983 6.53 -46.76 42.94
C GLU A 983 6.22 -47.06 41.47
N PHE A 984 4.95 -47.05 41.08
CA PHE A 984 4.55 -47.18 39.68
C PHE A 984 3.69 -46.00 39.26
N ALA A 985 3.69 -45.74 37.95
CA ALA A 985 2.83 -44.72 37.35
C ALA A 985 1.67 -45.40 36.65
N PRO A 986 0.42 -45.14 37.03
CA PRO A 986 -0.70 -45.83 36.37
C PRO A 986 -0.70 -45.60 34.87
N SER A 987 -1.05 -46.65 34.13
CA SER A 987 -0.90 -46.63 32.68
C SER A 987 -1.74 -45.53 32.03
N ASN A 988 -2.98 -45.37 32.50
CA ASN A 988 -3.92 -44.45 31.87
C ASN A 988 -3.78 -43.03 32.37
N HIS A 989 -2.80 -42.75 33.24
CA HIS A 989 -2.63 -41.44 33.84
C HIS A 989 -1.21 -40.95 33.58
N SER A 990 -0.96 -39.70 33.96
CA SER A 990 0.31 -39.02 33.68
C SER A 990 0.52 -39.08 32.16
N PHE A 991 1.77 -39.11 31.69
CA PHE A 991 2.06 -39.16 30.26
C PHE A 991 2.88 -40.41 29.95
N LYS A 992 2.67 -40.94 28.74
CA LYS A 992 3.37 -42.11 28.26
C LYS A 992 3.84 -41.85 26.83
N LYS A 993 4.45 -42.87 26.23
CA LYS A 993 4.89 -42.82 24.84
C LYS A 993 5.95 -41.74 24.62
N ILE A 994 6.71 -41.42 25.66
CA ILE A 994 7.78 -40.43 25.59
C ILE A 994 9.10 -41.15 25.87
N GLU A 995 10.06 -41.03 24.94
CA GLU A 995 11.35 -41.68 25.09
C GLU A 995 12.49 -40.76 24.63
N PHE A 996 12.33 -39.46 24.81
CA PHE A 996 13.36 -38.52 24.40
C PHE A 996 14.63 -38.73 25.22
N GLN A 997 15.78 -38.44 24.60
CA GLN A 997 17.05 -38.58 25.28
C GLN A 997 17.44 -37.26 25.94
N PRO A 998 17.55 -37.19 27.27
CA PRO A 998 17.97 -35.94 27.89
C PRO A 998 19.42 -35.63 27.56
N PRO A 999 19.81 -34.35 27.58
CA PRO A 999 21.23 -34.03 27.31
C PRO A 999 22.19 -34.75 28.24
N GLU A 1000 21.80 -34.90 29.51
CA GLU A 1000 22.57 -35.70 30.46
C GLU A 1000 21.61 -36.23 31.50
N ALA A 1001 21.43 -37.54 31.55
CA ALA A 1001 20.43 -38.13 32.43
C ALA A 1001 20.63 -37.67 33.87
N LYS A 1002 21.87 -37.75 34.37
CA LYS A 1002 22.13 -37.37 35.75
C LYS A 1002 21.80 -35.90 35.99
N LYS A 1003 22.10 -35.03 35.02
CA LYS A 1003 21.73 -33.63 35.15
C LYS A 1003 20.22 -33.46 35.21
N PHE A 1004 19.49 -34.23 34.41
CA PHE A 1004 18.03 -34.18 34.45
C PHE A 1004 17.50 -34.60 35.81
N PHE A 1005 18.06 -35.67 36.38
CA PHE A 1005 17.66 -36.08 37.72
C PHE A 1005 18.04 -35.03 38.75
N SER A 1006 19.16 -34.33 38.57
CA SER A 1006 19.53 -33.26 39.50
C SER A 1006 18.52 -32.13 39.44
N THR A 1007 18.11 -31.75 38.25
CA THR A 1007 17.05 -30.73 38.13
C THR A 1007 15.77 -31.22 38.79
N VAL A 1008 15.43 -32.48 38.59
CA VAL A 1008 14.22 -33.03 39.20
C VAL A 1008 14.33 -32.97 40.73
N ARG A 1009 15.52 -33.26 41.28
CA ARG A 1009 15.71 -33.16 42.72
C ARG A 1009 15.56 -31.72 43.21
N LYS A 1010 16.10 -30.77 42.46
CA LYS A 1010 15.86 -29.37 42.77
C LYS A 1010 14.36 -29.10 42.84
N GLU A 1011 13.61 -29.66 41.88
CA GLU A 1011 12.17 -29.45 41.85
C GLU A 1011 11.49 -30.05 43.08
N MET A 1012 11.88 -31.27 43.48
CA MET A 1012 11.30 -31.82 44.71
C MET A 1012 11.64 -30.94 45.89
N ALA A 1013 12.86 -30.41 45.94
CA ALA A 1013 13.21 -29.52 47.04
C ALA A 1013 12.26 -28.34 47.08
N LEU A 1014 12.04 -27.70 45.94
CA LEU A 1014 11.16 -26.54 45.90
C LEU A 1014 9.74 -26.93 46.31
N LEU A 1015 9.25 -28.04 45.77
CA LEU A 1015 7.87 -28.44 46.06
C LEU A 1015 7.67 -28.76 47.54
N ALA A 1016 8.60 -29.52 48.12
CA ALA A 1016 8.50 -29.84 49.55
C ALA A 1016 8.56 -28.57 50.38
N THR A 1017 9.47 -27.66 50.04
CA THR A 1017 9.56 -26.41 50.79
C THR A 1017 8.26 -25.63 50.71
N SER A 1018 7.67 -25.56 49.52
CA SER A 1018 6.47 -24.78 49.27
C SER A 1018 5.24 -25.68 49.33
N LEU A 1019 4.10 -25.16 48.86
CA LEU A 1019 2.83 -25.86 48.86
C LEU A 1019 2.34 -26.12 50.28
N PRO A 1020 2.12 -25.07 51.08
CA PRO A 1020 1.54 -25.27 52.41
C PRO A 1020 0.03 -25.43 52.38
N GLU A 1021 -0.61 -24.85 51.38
CA GLU A 1021 -2.06 -24.90 51.24
C GLU A 1021 -2.44 -24.84 49.78
N GLY A 1022 -3.67 -25.30 49.50
CA GLY A 1022 -4.28 -25.08 48.21
C GLY A 1022 -3.81 -26.01 47.11
N ILE A 1023 -2.50 -26.13 46.93
CA ILE A 1023 -1.93 -26.94 45.87
C ILE A 1023 -1.45 -28.25 46.47
N MET A 1024 -1.39 -29.30 45.65
CA MET A 1024 -0.51 -30.39 46.01
C MET A 1024 -0.16 -31.22 44.79
N VAL A 1025 0.84 -32.09 44.94
CA VAL A 1025 1.38 -32.86 43.84
C VAL A 1025 1.87 -34.21 44.35
N LYS A 1026 2.12 -35.12 43.42
CA LYS A 1026 2.88 -36.34 43.68
C LYS A 1026 3.49 -36.79 42.36
N THR A 1027 4.36 -37.78 42.44
CA THR A 1027 5.05 -38.29 41.26
C THR A 1027 5.23 -39.80 41.40
N PHE A 1028 6.06 -40.36 40.53
CA PHE A 1028 6.25 -41.80 40.45
C PHE A 1028 7.74 -42.11 40.28
N GLU A 1029 8.21 -43.12 41.00
CA GLU A 1029 9.61 -43.51 40.90
C GLU A 1029 9.92 -44.07 39.51
N ASP A 1030 9.04 -44.89 38.96
CA ASP A 1030 9.32 -45.55 37.69
C ASP A 1030 9.54 -44.54 36.56
N ARG A 1031 8.97 -43.34 36.67
CA ARG A 1031 9.20 -42.29 35.68
C ARG A 1031 9.18 -40.96 36.43
N MET A 1032 10.37 -40.49 36.82
CA MET A 1032 10.46 -39.26 37.59
C MET A 1032 9.92 -38.07 36.82
N ASP A 1033 9.97 -38.11 35.48
CA ASP A 1033 9.38 -37.04 34.69
C ASP A 1033 7.87 -36.97 34.92
N LEU A 1034 7.20 -38.11 35.00
CA LEU A 1034 5.75 -38.14 35.18
C LEU A 1034 5.38 -37.56 36.55
N PHE A 1035 4.34 -36.73 36.56
CA PHE A 1035 3.86 -36.07 37.76
C PHE A 1035 2.35 -35.91 37.65
N SER A 1036 1.70 -35.86 38.81
CA SER A 1036 0.28 -35.56 38.89
C SER A 1036 0.09 -34.46 39.93
N ALA A 1037 -0.87 -33.58 39.65
CA ALA A 1037 -1.09 -32.41 40.50
C ALA A 1037 -2.58 -32.25 40.76
N LEU A 1038 -2.90 -31.66 41.91
CA LEU A 1038 -4.27 -31.46 42.33
C LEU A 1038 -4.41 -30.02 42.81
N ILE A 1039 -5.39 -29.32 42.25
CA ILE A 1039 -5.59 -27.90 42.45
C ILE A 1039 -7.03 -27.67 42.91
N LYS A 1040 -7.18 -26.74 43.85
CA LYS A 1040 -8.42 -26.50 44.56
C LYS A 1040 -8.95 -25.11 44.22
N GLY A 1041 -10.27 -25.00 44.11
CA GLY A 1041 -10.89 -23.73 43.83
C GLY A 1041 -10.69 -22.74 44.95
N PRO A 1042 -10.47 -21.47 44.63
CA PRO A 1042 -10.36 -20.44 45.67
C PRO A 1042 -11.74 -19.98 46.14
N THR A 1043 -11.72 -19.20 47.22
CA THR A 1043 -12.96 -18.74 47.84
C THR A 1043 -13.53 -17.53 47.11
N ARG A 1044 -14.84 -17.31 47.31
CA ARG A 1044 -15.53 -16.17 46.73
C ARG A 1044 -15.35 -16.12 45.22
N THR A 1045 -15.31 -17.30 44.60
CA THR A 1045 -15.00 -17.47 43.19
C THR A 1045 -16.00 -18.45 42.59
N PRO A 1046 -16.38 -18.29 41.33
CA PRO A 1046 -17.22 -19.33 40.70
C PRO A 1046 -16.61 -20.70 40.81
N TYR A 1047 -15.28 -20.79 40.69
CA TYR A 1047 -14.56 -22.03 40.99
C TYR A 1047 -14.20 -22.05 42.47
N GLU A 1048 -15.23 -22.10 43.30
CA GLU A 1048 -15.06 -22.25 44.74
C GLU A 1048 -15.29 -23.71 45.11
N ASP A 1049 -14.54 -24.18 46.09
CA ASP A 1049 -14.48 -25.62 46.37
C ASP A 1049 -14.14 -26.29 45.05
N GLY A 1050 -14.87 -27.29 44.61
CA GLY A 1050 -14.52 -27.95 43.37
C GLY A 1050 -13.25 -28.78 43.52
N LEU A 1051 -12.68 -29.15 42.37
CA LEU A 1051 -11.50 -29.98 42.36
C LEU A 1051 -10.96 -30.06 40.94
N TYR A 1052 -9.64 -30.12 40.80
CA TYR A 1052 -9.02 -30.15 39.49
C TYR A 1052 -7.77 -31.03 39.53
N LEU A 1053 -7.61 -31.85 38.49
CA LEU A 1053 -6.56 -32.86 38.43
C LEU A 1053 -5.79 -32.72 37.13
N PHE A 1054 -4.46 -32.70 37.23
CA PHE A 1054 -3.58 -32.46 36.10
C PHE A 1054 -2.54 -33.56 36.00
N ASP A 1055 -2.29 -34.04 34.78
CA ASP A 1055 -1.13 -34.84 34.46
C ASP A 1055 -0.06 -33.93 33.88
N ILE A 1056 1.20 -34.29 34.12
CA ILE A 1056 2.30 -33.45 33.64
C ILE A 1056 3.52 -34.33 33.42
N GLN A 1057 4.33 -33.96 32.44
CA GLN A 1057 5.62 -34.59 32.21
C GLN A 1057 6.69 -33.53 32.03
N LEU A 1058 7.81 -33.72 32.71
CA LEU A 1058 8.96 -32.85 32.54
C LEU A 1058 9.73 -33.27 31.29
N PRO A 1059 9.91 -32.39 30.31
CA PRO A 1059 10.66 -32.79 29.11
C PRO A 1059 12.09 -33.16 29.49
N ASN A 1060 12.63 -34.12 28.75
CA ASN A 1060 14.00 -34.56 29.03
C ASN A 1060 14.99 -33.42 28.84
N ILE A 1061 14.61 -32.36 28.13
CA ILE A 1061 15.43 -31.16 28.02
C ILE A 1061 15.04 -30.12 29.06
N TYR A 1062 14.24 -30.47 30.05
CA TYR A 1062 13.87 -29.53 31.09
C TYR A 1062 15.12 -29.10 31.84
N PRO A 1063 15.24 -27.81 32.22
CA PRO A 1063 14.33 -26.70 32.00
C PRO A 1063 14.69 -25.88 30.78
N ALA A 1064 14.98 -26.54 29.65
CA ALA A 1064 15.18 -25.83 28.40
C ALA A 1064 13.84 -25.39 27.80
N VAL A 1065 12.77 -26.13 28.05
CA VAL A 1065 11.45 -25.81 27.51
C VAL A 1065 10.41 -26.02 28.61
N PRO A 1066 9.26 -25.36 28.49
CA PRO A 1066 8.27 -25.45 29.55
C PRO A 1066 7.72 -26.87 29.65
N PRO A 1067 7.23 -27.26 30.82
CA PRO A 1067 6.77 -28.64 31.00
C PRO A 1067 5.50 -28.93 30.21
N HIS A 1068 5.24 -30.21 29.99
CA HIS A 1068 4.05 -30.66 29.27
C HIS A 1068 2.92 -30.86 30.27
N PHE A 1069 1.95 -29.95 30.25
CA PHE A 1069 0.77 -30.00 31.11
C PHE A 1069 -0.39 -30.66 30.37
N CYS A 1070 -1.34 -31.20 31.13
CA CYS A 1070 -2.58 -31.69 30.54
C CYS A 1070 -3.63 -31.84 31.64
N TYR A 1071 -4.71 -31.07 31.55
CA TYR A 1071 -5.81 -31.17 32.51
C TYR A 1071 -6.82 -32.18 31.99
N LEU A 1072 -6.94 -33.31 32.68
CA LEU A 1072 -7.98 -34.26 32.33
C LEU A 1072 -9.34 -33.58 32.41
N SER A 1073 -10.16 -33.78 31.37
CA SER A 1073 -11.40 -33.03 31.25
C SER A 1073 -12.38 -33.40 32.35
N GLN A 1074 -12.82 -34.65 32.37
CA GLN A 1074 -13.92 -35.07 33.23
C GLN A 1074 -15.15 -34.19 32.98
N CYS A 1075 -15.25 -33.65 31.77
CA CYS A 1075 -16.36 -32.80 31.36
C CYS A 1075 -16.40 -32.83 29.84
N SER A 1076 -17.20 -31.95 29.25
CA SER A 1076 -17.32 -31.90 27.80
C SER A 1076 -17.14 -30.49 27.27
N GLY A 1077 -17.54 -29.49 28.06
CA GLY A 1077 -17.46 -28.11 27.65
C GLY A 1077 -16.32 -27.40 28.36
N ARG A 1078 -15.82 -26.35 27.73
CA ARG A 1078 -14.69 -25.62 28.29
C ARG A 1078 -15.03 -25.07 29.66
N LEU A 1079 -14.42 -25.65 30.70
CA LEU A 1079 -14.58 -25.18 32.06
C LEU A 1079 -13.95 -23.82 32.29
N ASN A 1080 -13.17 -23.33 31.33
CA ASN A 1080 -12.39 -22.11 31.45
C ASN A 1080 -12.06 -21.68 30.03
N PRO A 1081 -11.85 -20.39 29.79
CA PRO A 1081 -11.46 -20.00 28.43
C PRO A 1081 -10.12 -20.55 28.02
N ASN A 1082 -9.28 -20.94 28.97
CA ASN A 1082 -7.94 -21.41 28.67
C ASN A 1082 -7.80 -22.92 28.85
N LEU A 1083 -8.36 -23.46 29.93
CA LEU A 1083 -8.46 -24.90 30.08
C LEU A 1083 -9.29 -25.46 28.93
N TYR A 1084 -8.75 -26.45 28.23
CA TYR A 1084 -9.45 -27.09 27.13
C TYR A 1084 -9.76 -28.54 27.45
N ASP A 1085 -11.00 -28.94 27.16
CA ASP A 1085 -11.40 -30.33 27.40
C ASP A 1085 -10.45 -31.29 26.72
N ASN A 1086 -9.94 -30.92 25.54
CA ASN A 1086 -8.96 -31.76 24.86
C ASN A 1086 -7.74 -32.02 25.73
N GLY A 1087 -7.41 -31.10 26.63
CA GLY A 1087 -6.34 -31.30 27.59
C GLY A 1087 -5.05 -30.60 27.28
N LYS A 1088 -5.00 -29.74 26.26
CA LYS A 1088 -3.80 -28.93 26.00
C LYS A 1088 -3.98 -27.58 26.67
N VAL A 1089 -3.80 -27.57 28.00
CA VAL A 1089 -3.95 -26.34 28.77
C VAL A 1089 -2.87 -25.34 28.36
N LYS A 1090 -3.17 -24.06 28.57
CA LYS A 1090 -2.21 -22.99 28.28
C LYS A 1090 -2.36 -21.89 29.31
N VAL A 1091 -1.29 -21.09 29.44
CA VAL A 1091 -1.24 -20.00 30.41
C VAL A 1091 -0.22 -18.99 29.91
N SER A 1092 -0.30 -17.76 30.43
CA SER A 1092 0.53 -16.68 29.92
C SER A 1092 2.01 -16.96 30.13
N LEU A 1093 2.40 -17.42 31.32
CA LEU A 1093 3.81 -17.55 31.63
C LEU A 1093 4.47 -18.62 30.77
N LEU A 1094 3.76 -19.72 30.50
CA LEU A 1094 4.36 -20.82 29.77
C LEU A 1094 4.59 -20.48 28.30
N GLY A 1095 4.22 -19.28 27.86
CA GLY A 1095 4.49 -18.82 26.52
C GLY A 1095 3.45 -19.18 25.49
N THR A 1096 2.50 -20.07 25.83
CA THR A 1096 1.44 -20.43 24.90
C THR A 1096 0.20 -19.57 25.05
N TRP A 1097 0.16 -18.71 26.07
CA TRP A 1097 -1.00 -17.86 26.32
C TRP A 1097 -2.28 -18.67 26.41
N ARG A 1104 7.60 -14.86 30.02
CA ARG A 1104 7.66 -16.10 29.25
C ARG A 1104 8.51 -17.14 29.98
N TRP A 1105 8.60 -18.33 29.39
CA TRP A 1105 9.31 -19.42 30.03
C TRP A 1105 10.80 -19.14 30.12
N THR A 1106 11.44 -19.67 31.17
CA THR A 1106 12.88 -19.55 31.34
C THR A 1106 13.38 -20.76 32.12
N SER A 1107 14.69 -20.98 32.06
CA SER A 1107 15.28 -22.09 32.77
C SER A 1107 15.17 -21.92 34.28
N LYS A 1108 15.29 -20.69 34.77
CA LYS A 1108 15.18 -20.45 36.20
C LYS A 1108 13.80 -20.76 36.75
N SER A 1109 12.78 -20.84 35.89
CA SER A 1109 11.44 -21.11 36.36
C SER A 1109 11.35 -22.53 36.91
N SER A 1110 10.36 -22.75 37.77
CA SER A 1110 10.18 -24.01 38.46
C SER A 1110 8.71 -24.40 38.45
N LEU A 1111 8.46 -25.70 38.63
CA LEU A 1111 7.08 -26.19 38.64
C LEU A 1111 6.25 -25.46 39.70
N LEU A 1112 6.89 -25.04 40.79
CA LEU A 1112 6.16 -24.32 41.83
C LEU A 1112 5.56 -23.04 41.30
N GLN A 1113 6.34 -22.28 40.52
CA GLN A 1113 5.82 -21.04 39.96
C GLN A 1113 4.63 -21.31 39.04
N VAL A 1114 4.75 -22.33 38.19
CA VAL A 1114 3.68 -22.63 37.24
C VAL A 1114 2.41 -23.01 38.00
N LEU A 1115 2.53 -23.89 38.99
CA LEU A 1115 1.35 -24.31 39.73
C LEU A 1115 0.74 -23.16 40.52
N ILE A 1116 1.58 -22.30 41.11
CA ILE A 1116 1.06 -21.14 41.82
C ILE A 1116 0.28 -20.25 40.87
N SER A 1117 0.79 -20.05 39.66
CA SER A 1117 0.05 -19.27 38.67
C SER A 1117 -1.26 -19.96 38.31
N ILE A 1118 -1.23 -21.27 38.08
CA ILE A 1118 -2.43 -22.00 37.70
C ILE A 1118 -3.52 -21.82 38.75
N GLN A 1119 -3.14 -21.90 40.02
CA GLN A 1119 -4.14 -21.66 41.05
C GLN A 1119 -4.37 -20.17 41.30
N GLY A 1120 -3.58 -19.30 40.68
CA GLY A 1120 -3.73 -17.88 40.89
C GLY A 1120 -4.44 -17.18 39.74
N LEU A 1121 -4.27 -17.67 38.53
CA LEU A 1121 -4.84 -17.04 37.34
C LEU A 1121 -5.85 -17.94 36.64
N ILE A 1122 -5.47 -19.18 36.31
CA ILE A 1122 -6.39 -20.09 35.62
C ILE A 1122 -7.67 -20.28 36.40
N LEU A 1123 -7.67 -19.93 37.68
CA LEU A 1123 -8.87 -19.93 38.51
C LEU A 1123 -9.04 -18.57 39.17
N VAL A 1124 -8.85 -17.51 38.39
CA VAL A 1124 -8.96 -16.16 38.92
C VAL A 1124 -10.39 -15.88 39.38
N ASN A 1125 -10.56 -14.80 40.14
CA ASN A 1125 -11.86 -14.47 40.72
C ASN A 1125 -12.95 -14.40 39.65
N GLU A 1126 -12.64 -13.80 38.50
CA GLU A 1126 -13.61 -13.66 37.40
C GLU A 1126 -13.06 -14.40 36.19
N PRO A 1127 -13.49 -15.63 35.92
CA PRO A 1127 -12.84 -16.42 34.86
C PRO A 1127 -12.94 -15.77 33.50
N TYR A 1128 -13.81 -14.78 33.32
CA TYR A 1128 -13.82 -14.02 32.09
C TYR A 1128 -12.46 -13.33 31.98
N TYR A 1129 -12.21 -12.64 30.88
CA TYR A 1129 -10.85 -12.27 30.54
C TYR A 1129 -10.06 -13.55 30.36
N ASN A 1130 -8.74 -13.43 30.35
CA ASN A 1130 -7.85 -14.59 30.34
C ASN A 1130 -8.09 -15.52 29.15
N GLU A 1131 -8.72 -15.05 28.07
CA GLU A 1131 -8.76 -15.86 26.85
C GLU A 1131 -8.01 -15.20 25.70
N ALA A 1132 -8.36 -13.97 25.31
CA ALA A 1132 -7.58 -13.27 24.31
C ALA A 1132 -7.80 -11.76 24.54
N GLY A 1133 -6.87 -11.15 25.27
CA GLY A 1133 -6.89 -9.71 25.50
C GLY A 1133 -8.27 -9.15 25.78
N PHE A 1134 -9.15 -9.95 26.37
CA PHE A 1134 -10.47 -9.43 26.66
C PHE A 1134 -10.48 -8.32 27.71
N ASP A 1135 -9.32 -7.98 28.28
CA ASP A 1135 -9.28 -6.91 29.27
C ASP A 1135 -9.86 -5.62 28.71
N SER A 1136 -9.77 -5.43 27.39
CA SER A 1136 -10.32 -4.22 26.78
C SER A 1136 -11.76 -3.99 27.18
N ASP A 1137 -12.50 -5.06 27.49
CA ASP A 1137 -13.88 -4.92 27.94
C ASP A 1137 -13.99 -4.62 29.43
N ARG A 1138 -12.88 -4.60 30.17
CA ARG A 1138 -12.96 -4.28 31.59
C ARG A 1138 -13.58 -2.91 31.80
N GLY A 1139 -14.51 -2.83 32.75
CA GLY A 1139 -15.17 -1.58 33.05
C GLY A 1139 -16.27 -1.20 32.10
N LEU A 1140 -16.60 -2.05 31.13
CA LEU A 1140 -17.62 -1.75 30.14
C LEU A 1140 -18.91 -2.51 30.45
N GLN A 1141 -20.01 -2.03 29.87
CA GLN A 1141 -21.29 -2.70 30.07
C GLN A 1141 -21.27 -4.10 29.48
N GLU A 1142 -20.76 -4.23 28.25
CA GLU A 1142 -20.66 -5.55 27.63
C GLU A 1142 -19.78 -6.47 28.46
N GLY A 1143 -18.64 -5.96 28.92
CA GLY A 1143 -17.75 -6.77 29.72
C GLY A 1143 -18.44 -7.29 30.97
N TYR A 1144 -19.17 -6.42 31.65
CA TYR A 1144 -19.85 -6.83 32.87
C TYR A 1144 -20.89 -7.90 32.58
N GLU A 1145 -21.73 -7.67 31.57
CA GLU A 1145 -22.79 -8.63 31.28
C GLU A 1145 -22.20 -9.99 30.91
N ASN A 1146 -21.23 -10.01 30.01
CA ASN A 1146 -20.67 -11.27 29.56
C ASN A 1146 -19.86 -11.94 30.66
N SER A 1147 -19.23 -11.17 31.54
CA SER A 1147 -18.53 -11.75 32.67
C SER A 1147 -19.50 -12.44 33.60
N ARG A 1148 -20.65 -11.81 33.87
CA ARG A 1148 -21.67 -12.47 34.68
C ARG A 1148 -22.12 -13.78 34.03
N CYS A 1149 -22.38 -13.73 32.72
CA CYS A 1149 -22.84 -14.95 32.04
C CYS A 1149 -21.79 -16.05 32.09
N TYR A 1150 -20.53 -15.71 31.85
CA TYR A 1150 -19.48 -16.72 31.88
C TYR A 1150 -19.27 -17.25 33.28
N ASN A 1151 -19.43 -16.41 34.30
CA ASN A 1151 -19.37 -16.92 35.66
C ASN A 1151 -20.47 -17.95 35.89
N GLU A 1152 -21.67 -17.67 35.39
CA GLU A 1152 -22.76 -18.63 35.55
C GLU A 1152 -22.44 -19.95 34.87
N MET A 1153 -21.98 -19.88 33.62
CA MET A 1153 -21.68 -21.11 32.90
C MET A 1153 -20.54 -21.86 33.57
N ALA A 1154 -19.56 -21.13 34.12
CA ALA A 1154 -18.48 -21.77 34.85
C ALA A 1154 -19.01 -22.50 36.07
N LEU A 1155 -19.94 -21.89 36.79
CA LEU A 1155 -20.57 -22.59 37.92
C LEU A 1155 -21.21 -23.89 37.44
N ILE A 1156 -21.99 -23.82 36.37
CA ILE A 1156 -22.68 -25.01 35.88
C ILE A 1156 -21.68 -26.10 35.55
N ARG A 1157 -20.64 -25.76 34.78
CA ARG A 1157 -19.72 -26.79 34.34
C ARG A 1157 -18.76 -27.25 35.44
N VAL A 1158 -18.49 -26.45 36.47
CA VAL A 1158 -17.69 -26.95 37.57
C VAL A 1158 -18.50 -27.94 38.40
N VAL A 1159 -19.79 -27.67 38.60
CA VAL A 1159 -20.65 -28.67 39.21
C VAL A 1159 -20.62 -29.95 38.39
N GLN A 1160 -20.73 -29.82 37.06
CA GLN A 1160 -20.70 -30.99 36.20
C GLN A 1160 -19.37 -31.73 36.34
N SER A 1161 -18.27 -30.99 36.41
CA SER A 1161 -16.95 -31.61 36.49
C SER A 1161 -16.77 -32.35 37.80
N MET A 1162 -17.20 -31.77 38.92
CA MET A 1162 -17.13 -32.49 40.18
C MET A 1162 -18.00 -33.74 40.15
N THR A 1163 -19.19 -33.64 39.57
CA THR A 1163 -20.06 -34.80 39.48
C THR A 1163 -19.39 -35.93 38.72
N GLN A 1164 -18.74 -35.61 37.60
CA GLN A 1164 -18.05 -36.65 36.85
C GLN A 1164 -16.79 -37.13 37.54
N LEU A 1165 -16.11 -36.25 38.28
CA LEU A 1165 -14.90 -36.63 39.00
C LEU A 1165 -15.22 -37.67 40.06
N VAL A 1166 -16.30 -37.46 40.80
CA VAL A 1166 -16.69 -38.41 41.84
C VAL A 1166 -16.91 -39.80 41.25
N ARG A 1167 -17.47 -39.88 40.05
CA ARG A 1167 -17.84 -41.18 39.50
C ARG A 1167 -16.62 -41.97 39.05
N ARG A 1168 -15.65 -41.31 38.40
CA ARG A 1168 -14.46 -41.97 37.88
C ARG A 1168 -13.21 -41.24 38.37
N PRO A 1169 -12.97 -41.22 39.68
CA PRO A 1169 -11.74 -40.63 40.20
C PRO A 1169 -10.53 -41.39 39.66
N PRO A 1170 -9.47 -40.69 39.27
CA PRO A 1170 -8.28 -41.41 38.79
C PRO A 1170 -7.68 -42.28 39.88
N GLU A 1171 -7.07 -43.39 39.45
CA GLU A 1171 -6.37 -44.25 40.39
C GLU A 1171 -5.25 -43.49 41.09
N VAL A 1172 -4.79 -42.38 40.51
CA VAL A 1172 -3.67 -41.65 41.08
C VAL A 1172 -4.06 -41.05 42.43
N PHE A 1173 -5.34 -40.75 42.63
CA PHE A 1173 -5.72 -39.91 43.77
C PHE A 1173 -6.99 -40.39 44.45
N GLU A 1174 -7.38 -41.64 44.23
CA GLU A 1174 -8.71 -42.11 44.65
C GLU A 1174 -9.14 -41.57 46.01
N GLN A 1175 -8.27 -41.70 47.01
CA GLN A 1175 -8.66 -41.33 48.37
C GLN A 1175 -8.77 -39.82 48.53
N GLU A 1176 -7.90 -39.07 47.84
CA GLU A 1176 -7.85 -37.63 48.07
C GLU A 1176 -9.04 -36.89 47.48
N ILE A 1177 -9.66 -37.42 46.41
CA ILE A 1177 -10.92 -36.84 45.96
C ILE A 1177 -11.97 -36.94 47.06
N ARG A 1178 -12.13 -38.15 47.62
CA ARG A 1178 -13.16 -38.37 48.63
C ARG A 1178 -12.90 -37.55 49.88
N GLN A 1179 -11.64 -37.48 50.34
CA GLN A 1179 -11.39 -36.83 51.61
C GLN A 1179 -11.82 -35.37 51.57
N HIS A 1180 -11.49 -34.67 50.48
CA HIS A 1180 -11.95 -33.30 50.33
C HIS A 1180 -13.45 -33.23 50.09
N PHE A 1181 -13.96 -34.05 49.16
CA PHE A 1181 -15.36 -33.90 48.78
C PHE A 1181 -16.28 -34.08 49.97
N SER A 1182 -15.92 -34.96 50.90
CA SER A 1182 -16.75 -35.27 52.06
C SER A 1182 -17.30 -34.02 52.72
N THR A 1183 -16.61 -32.89 52.56
CA THR A 1183 -17.11 -31.60 53.02
C THR A 1183 -17.28 -30.61 51.88
N GLY A 1184 -16.34 -30.57 50.93
CA GLY A 1184 -16.41 -29.57 49.89
C GLY A 1184 -17.63 -29.71 49.00
N GLY A 1185 -17.99 -30.94 48.65
CA GLY A 1185 -19.11 -31.13 47.75
C GLY A 1185 -20.42 -30.65 48.35
N TRP A 1186 -20.65 -31.01 49.62
CA TRP A 1186 -21.87 -30.55 50.28
C TRP A 1186 -21.82 -29.05 50.56
N ARG A 1187 -20.64 -28.50 50.82
CA ARG A 1187 -20.54 -27.04 50.95
C ARG A 1187 -20.94 -26.36 49.66
N LEU A 1188 -20.44 -26.87 48.53
CA LEU A 1188 -20.80 -26.29 47.23
C LEU A 1188 -22.28 -26.46 46.95
N VAL A 1189 -22.86 -27.61 47.30
CA VAL A 1189 -24.28 -27.83 47.05
C VAL A 1189 -25.11 -26.88 47.90
N ASN A 1190 -24.71 -26.68 49.15
CA ASN A 1190 -25.41 -25.73 50.01
C ASN A 1190 -25.32 -24.31 49.45
N ARG A 1191 -24.14 -23.95 48.94
CA ARG A 1191 -23.99 -22.63 48.34
C ARG A 1191 -24.91 -22.48 47.13
N ILE A 1192 -24.98 -23.51 46.29
CA ILE A 1192 -25.87 -23.46 45.12
C ILE A 1192 -27.32 -23.32 45.56
N GLU A 1193 -27.72 -24.07 46.58
CA GLU A 1193 -29.08 -23.93 47.09
C GLU A 1193 -29.34 -22.53 47.59
N SER A 1194 -28.38 -21.94 48.29
CA SER A 1194 -28.53 -20.56 48.76
C SER A 1194 -28.65 -19.60 47.60
N TRP A 1195 -27.94 -19.87 46.50
CA TRP A 1195 -28.05 -19.02 45.32
C TRP A 1195 -29.48 -19.03 44.77
N LEU A 1196 -30.15 -20.18 44.83
CA LEU A 1196 -31.52 -20.28 44.34
C LEU A 1196 -32.51 -19.50 45.18
N GLU A 1197 -32.10 -19.02 46.36
CA GLU A 1197 -32.98 -18.23 47.22
C GLU A 1197 -32.27 -16.95 47.68
N PRO A 1302 -25.71 -9.47 49.28
CA PRO A 1302 -24.56 -10.10 49.94
C PRO A 1302 -23.31 -10.10 49.07
N ASP A 1303 -22.28 -9.36 49.49
CA ASP A 1303 -21.05 -9.27 48.72
C ASP A 1303 -20.29 -10.59 48.81
N ILE A 1304 -20.43 -11.43 47.78
CA ILE A 1304 -19.84 -12.77 47.80
C ILE A 1304 -18.64 -12.89 46.85
N GLY A 1305 -18.25 -11.79 46.19
CA GLY A 1305 -16.94 -11.66 45.62
C GLY A 1305 -16.85 -11.88 44.12
N PHE A 1306 -17.83 -12.54 43.52
CA PHE A 1306 -17.77 -12.78 42.08
C PHE A 1306 -19.10 -12.45 41.43
N PRO A 1307 -19.07 -12.02 40.16
CA PRO A 1307 -20.28 -11.51 39.50
C PRO A 1307 -21.16 -12.65 38.99
N LEU A 1308 -22.28 -12.87 39.67
CA LEU A 1308 -23.28 -13.82 39.19
C LEU A 1308 -24.71 -13.32 39.32
N PHE A 1309 -25.00 -12.36 40.19
CA PHE A 1309 -26.37 -11.89 40.34
C PHE A 1309 -26.76 -11.03 39.15
N PRO A 1310 -28.03 -11.08 38.71
CA PRO A 1310 -29.10 -11.98 39.18
C PRO A 1310 -29.02 -13.33 38.51
N LEU A 1311 -29.71 -14.32 39.07
CA LEU A 1311 -29.79 -15.62 38.43
C LEU A 1311 -30.88 -15.61 37.37
N SER A 1312 -30.51 -15.97 36.14
CA SER A 1312 -31.46 -16.03 35.06
C SER A 1312 -32.27 -17.32 35.12
N LYS A 1313 -33.46 -17.28 34.52
CA LYS A 1313 -34.32 -18.47 34.52
C LYS A 1313 -33.56 -19.70 34.01
N GLY A 1314 -32.88 -19.55 32.87
CA GLY A 1314 -32.11 -20.66 32.34
C GLY A 1314 -31.07 -21.15 33.32
N PHE A 1315 -30.39 -20.22 34.01
CA PHE A 1315 -29.42 -20.63 35.01
C PHE A 1315 -30.08 -21.39 36.14
N ILE A 1316 -31.24 -20.92 36.61
CA ILE A 1316 -31.94 -21.66 37.66
C ILE A 1316 -32.21 -23.09 37.21
N LYS A 1317 -32.73 -23.25 35.99
CA LYS A 1317 -33.08 -24.59 35.53
C LYS A 1317 -31.85 -25.49 35.42
N SER A 1318 -30.81 -25.00 34.74
CA SER A 1318 -29.63 -25.82 34.53
C SER A 1318 -28.94 -26.15 35.85
N ILE A 1319 -28.82 -25.15 36.74
CA ILE A 1319 -28.12 -25.39 37.99
C ILE A 1319 -28.92 -26.36 38.85
N ARG A 1320 -30.25 -26.27 38.83
CA ARG A 1320 -31.05 -27.24 39.57
C ARG A 1320 -30.82 -28.64 39.04
N GLY A 1321 -30.82 -28.82 37.72
CA GLY A 1321 -30.60 -30.15 37.17
C GLY A 1321 -29.25 -30.70 37.55
N VAL A 1322 -28.20 -29.91 37.36
CA VAL A 1322 -26.85 -30.39 37.66
C VAL A 1322 -26.68 -30.60 39.16
N LEU A 1323 -27.33 -29.78 39.99
CA LEU A 1323 -27.22 -29.97 41.42
C LEU A 1323 -27.91 -31.25 41.86
N THR A 1324 -29.05 -31.57 41.25
CA THR A 1324 -29.70 -32.85 41.55
C THR A 1324 -28.78 -34.01 41.17
N GLN A 1325 -28.16 -33.92 39.99
CA GLN A 1325 -27.22 -34.97 39.59
C GLN A 1325 -26.05 -35.06 40.56
N PHE A 1326 -25.55 -33.93 41.02
CA PHE A 1326 -24.41 -33.92 41.94
C PHE A 1326 -24.79 -34.54 43.28
N ARG A 1327 -25.99 -34.21 43.79
CA ARG A 1327 -26.46 -34.84 45.01
C ARG A 1327 -26.56 -36.35 44.83
N ALA A 1328 -27.11 -36.80 43.70
CA ALA A 1328 -27.21 -38.22 43.45
C ALA A 1328 -25.84 -38.88 43.43
N ALA A 1329 -24.86 -38.23 42.79
CA ALA A 1329 -23.52 -38.78 42.74
C ALA A 1329 -22.89 -38.84 44.12
N LEU A 1330 -23.04 -37.77 44.90
CA LEU A 1330 -22.45 -37.75 46.24
C LEU A 1330 -23.04 -38.83 47.12
N LEU A 1331 -24.37 -39.00 47.07
CA LEU A 1331 -24.99 -40.09 47.82
C LEU A 1331 -24.50 -41.44 47.33
N GLU A 1332 -24.39 -41.61 46.01
CA GLU A 1332 -23.92 -42.88 45.47
C GLU A 1332 -22.48 -43.16 45.90
N ALA A 1333 -21.70 -42.12 46.14
CA ALA A 1333 -20.32 -42.28 46.57
C ALA A 1333 -20.18 -42.67 48.02
N GLY A 1334 -21.28 -43.02 48.70
CA GLY A 1334 -21.17 -43.36 50.10
C GLY A 1334 -20.86 -42.19 50.99
N MET A 1335 -21.20 -40.98 50.57
CA MET A 1335 -20.91 -39.75 51.32
C MET A 1335 -22.21 -38.99 51.48
N PRO A 1336 -23.06 -39.39 52.44
CA PRO A 1336 -24.33 -38.71 52.62
C PRO A 1336 -24.18 -37.31 53.19
N GLU A 1337 -25.30 -36.63 53.43
CA GLU A 1337 -25.29 -35.26 53.90
C GLU A 1337 -24.29 -35.07 55.02
N CYS A 1338 -23.58 -33.95 54.99
CA CYS A 1338 -22.58 -33.64 56.00
C CYS A 1338 -22.71 -32.19 56.44
N VAL B 98 36.89 33.92 8.85
CA VAL B 98 37.60 34.00 7.58
C VAL B 98 36.87 33.19 6.51
N VAL B 99 36.01 32.28 6.96
CA VAL B 99 35.42 31.30 6.04
C VAL B 99 34.64 32.01 4.95
N LYS B 100 33.79 32.97 5.32
CA LYS B 100 32.92 33.57 4.31
C LYS B 100 33.71 34.44 3.34
N ARG B 101 34.81 35.04 3.79
CA ARG B 101 35.69 35.71 2.83
C ARG B 101 36.24 34.72 1.81
N ARG B 102 36.59 33.52 2.26
CA ARG B 102 37.05 32.49 1.32
C ARG B 102 35.96 32.08 0.36
N VAL B 103 34.71 31.97 0.85
CA VAL B 103 33.61 31.66 -0.05
C VAL B 103 33.41 32.79 -1.05
N ASN B 104 33.64 34.03 -0.63
CA ASN B 104 33.53 35.15 -1.56
C ASN B 104 34.65 35.12 -2.60
N ALA B 105 35.85 34.70 -2.20
CA ALA B 105 36.93 34.53 -3.17
C ALA B 105 36.57 33.46 -4.18
N LEU B 106 36.04 32.33 -3.70
CA LEU B 106 35.56 31.31 -4.62
C LEU B 106 34.41 31.84 -5.47
N LYS B 107 33.65 32.79 -4.93
CA LYS B 107 32.56 33.39 -5.68
C LYS B 107 33.08 34.19 -6.87
N ASN B 108 34.13 34.99 -6.63
CA ASN B 108 34.78 35.71 -7.72
C ASN B 108 35.41 34.74 -8.71
N LEU B 109 35.97 33.65 -8.21
CA LEU B 109 36.50 32.62 -9.11
C LEU B 109 35.40 32.06 -9.99
N GLN B 110 34.21 31.84 -9.41
CA GLN B 110 33.07 31.39 -10.20
C GLN B 110 32.64 32.46 -11.19
N VAL B 111 32.78 33.74 -10.84
CA VAL B 111 32.45 34.79 -11.79
C VAL B 111 33.38 34.75 -12.99
N LYS B 112 34.67 34.62 -12.74
CA LYS B 112 35.64 34.52 -13.84
C LYS B 112 35.40 33.25 -14.64
N CYS B 113 35.10 32.15 -13.96
CA CYS B 113 34.77 30.91 -14.65
C CYS B 113 33.48 31.05 -15.46
N ALA B 114 32.57 31.92 -15.02
CA ALA B 114 31.36 32.16 -15.78
C ALA B 114 31.67 32.99 -17.02
N GLN B 115 32.61 33.91 -16.93
CA GLN B 115 33.09 34.58 -18.14
C GLN B 115 33.73 33.58 -19.09
N ILE B 116 34.53 32.66 -18.57
CA ILE B 116 35.15 31.63 -19.39
C ILE B 116 34.07 30.75 -20.02
N GLU B 117 33.02 30.44 -19.26
CA GLU B 117 31.92 29.66 -19.79
C GLU B 117 31.14 30.44 -20.84
N ALA B 118 31.07 31.76 -20.70
CA ALA B 118 30.49 32.59 -21.74
C ALA B 118 31.29 32.47 -23.02
N LYS B 119 32.62 32.51 -22.90
CA LYS B 119 33.46 32.25 -24.06
C LYS B 119 33.19 30.86 -24.62
N PHE B 120 33.01 29.87 -23.74
CA PHE B 120 32.75 28.51 -24.19
C PHE B 120 31.43 28.42 -24.94
N TYR B 121 30.41 29.14 -24.47
CA TYR B 121 29.14 29.13 -25.17
C TYR B 121 29.22 29.88 -26.49
N GLU B 122 30.01 30.95 -26.55
CA GLU B 122 30.26 31.59 -27.84
C GLU B 122 30.93 30.61 -28.80
N GLU B 123 31.90 29.84 -28.31
CA GLU B 123 32.54 28.83 -29.14
C GLU B 123 31.55 27.74 -29.52
N VAL B 124 30.62 27.40 -28.62
CA VAL B 124 29.59 26.42 -28.95
C VAL B 124 28.72 26.94 -30.08
N HIS B 125 28.36 28.23 -30.03
CA HIS B 125 27.62 28.83 -31.11
C HIS B 125 28.44 28.81 -32.41
N ASP B 126 29.75 29.03 -32.29
CA ASP B 126 30.60 28.96 -33.47
C ASP B 126 30.59 27.56 -34.08
N LEU B 127 30.69 26.54 -33.23
CA LEU B 127 30.63 25.16 -33.69
C LEU B 127 29.25 24.86 -34.27
N GLU B 128 28.20 25.44 -33.69
CA GLU B 128 26.87 25.28 -34.25
C GLU B 128 26.79 25.92 -35.64
N ARG B 129 27.45 27.04 -35.84
CA ARG B 129 27.47 27.66 -37.16
C ARG B 129 28.23 26.80 -38.16
N LYS B 130 29.38 26.26 -37.76
CA LYS B 130 30.15 25.42 -38.66
C LYS B 130 29.37 24.16 -39.01
N TYR B 131 28.78 23.52 -38.00
CA TYR B 131 27.96 22.34 -38.26
C TYR B 131 26.65 22.71 -38.95
N ALA B 132 26.23 23.97 -38.89
CA ALA B 132 25.12 24.42 -39.71
C ALA B 132 25.53 24.47 -41.17
N VAL B 133 26.75 24.91 -41.45
CA VAL B 133 27.28 24.80 -42.80
C VAL B 133 27.32 23.34 -43.23
N LEU B 134 27.69 22.46 -42.30
CA LEU B 134 27.68 21.02 -42.58
C LEU B 134 26.27 20.53 -42.89
N TYR B 135 25.29 20.99 -42.12
CA TYR B 135 23.90 20.62 -42.34
C TYR B 135 23.37 21.14 -43.66
N GLN B 136 23.79 22.36 -44.06
CA GLN B 136 23.23 23.06 -45.20
C GLN B 136 22.92 22.09 -46.31
N PRO B 137 23.83 21.18 -46.66
CA PRO B 137 23.43 20.07 -47.54
C PRO B 137 22.18 19.36 -47.04
N LEU B 138 22.18 18.91 -45.79
CA LEU B 138 21.08 18.08 -45.28
C LEU B 138 19.79 18.88 -45.15
N PHE B 139 19.86 20.06 -44.53
CA PHE B 139 18.64 20.86 -44.37
C PHE B 139 18.12 21.34 -45.71
N ASP B 140 19.01 21.69 -46.64
CA ASP B 140 18.57 22.08 -47.97
C ASP B 140 17.93 20.91 -48.69
N LYS B 141 18.45 19.70 -48.49
CA LYS B 141 17.81 18.53 -49.08
C LYS B 141 16.42 18.34 -48.49
N ARG B 142 16.28 18.55 -47.18
CA ARG B 142 14.95 18.48 -46.56
C ARG B 142 14.00 19.47 -47.20
N PHE B 143 14.42 20.74 -47.26
CA PHE B 143 13.58 21.77 -47.88
C PHE B 143 13.27 21.45 -49.32
N GLU B 144 14.19 20.80 -50.02
CA GLU B 144 13.97 20.51 -51.43
C GLU B 144 12.97 19.39 -51.62
N ILE B 145 13.05 18.34 -50.79
CA ILE B 145 12.09 17.25 -50.92
C ILE B 145 10.73 17.67 -50.35
N ILE B 146 10.71 18.60 -49.39
CA ILE B 146 9.45 19.08 -48.85
C ILE B 146 8.66 19.82 -49.93
N ASN B 147 9.33 20.68 -50.69
CA ASN B 147 8.68 21.52 -51.68
C ASN B 147 8.94 21.07 -53.12
N ALA B 148 9.16 19.77 -53.32
CA ALA B 148 9.22 19.20 -54.66
C ALA B 148 10.34 19.80 -55.51
N ILE B 149 11.47 20.11 -54.89
CA ILE B 149 12.65 20.52 -55.65
C ILE B 149 13.52 19.32 -56.01
N TYR B 150 13.58 18.32 -55.12
CA TYR B 150 14.34 17.10 -55.35
C TYR B 150 13.50 15.90 -54.95
N GLU B 151 13.81 14.76 -55.55
CA GLU B 151 13.12 13.51 -55.23
C GLU B 151 14.11 12.46 -54.72
N PRO B 189 0.54 13.82 -55.10
CA PRO B 189 0.70 15.02 -54.28
C PRO B 189 2.14 15.49 -54.21
N LYS B 190 2.36 16.78 -54.51
CA LYS B 190 3.71 17.30 -54.55
C LYS B 190 4.30 17.45 -53.16
N GLY B 191 5.55 17.06 -53.00
CA GLY B 191 6.27 17.33 -51.77
C GLY B 191 5.58 16.73 -50.56
N ILE B 192 5.65 17.44 -49.45
CA ILE B 192 5.02 17.05 -48.20
C ILE B 192 4.01 18.12 -47.83
N PRO B 193 2.73 17.93 -48.17
CA PRO B 193 1.75 19.00 -47.95
C PRO B 193 1.68 19.42 -46.49
N GLU B 194 1.61 20.73 -46.28
CA GLU B 194 1.40 21.32 -44.96
C GLU B 194 2.38 20.74 -43.94
N PHE B 195 3.66 20.71 -44.32
CA PHE B 195 4.67 20.15 -43.42
C PHE B 195 4.73 20.92 -42.11
N TRP B 196 4.90 22.23 -42.18
CA TRP B 196 5.11 23.01 -40.98
C TRP B 196 3.83 23.27 -40.21
N LEU B 197 2.70 23.42 -40.90
CA LEU B 197 1.42 23.47 -40.21
C LEU B 197 1.17 22.16 -39.46
N THR B 198 1.48 21.03 -40.09
CA THR B 198 1.30 19.74 -39.43
C THR B 198 2.20 19.62 -38.21
N VAL B 199 3.47 20.03 -38.34
CA VAL B 199 4.37 19.94 -37.21
C VAL B 199 3.88 20.84 -36.08
N PHE B 200 3.42 22.05 -36.40
CA PHE B 200 2.94 22.96 -35.38
C PHE B 200 1.69 22.40 -34.69
N LYS B 201 0.80 21.78 -35.47
CA LYS B 201 -0.39 21.18 -34.88
C LYS B 201 -0.02 20.04 -33.94
N ASN B 202 0.94 19.20 -34.34
CA ASN B 202 1.32 18.07 -33.49
C ASN B 202 1.93 18.55 -32.18
N VAL B 203 2.72 19.62 -32.24
CA VAL B 203 3.28 20.21 -31.03
C VAL B 203 2.22 21.09 -30.39
N ASP B 204 1.96 20.87 -29.10
CA ASP B 204 0.94 21.67 -28.42
C ASP B 204 1.32 23.14 -28.37
N LEU B 205 2.59 23.43 -28.07
CA LEU B 205 3.01 24.82 -27.90
C LEU B 205 2.70 25.66 -29.12
N LEU B 206 2.69 25.07 -30.31
CA LEU B 206 2.37 25.79 -31.53
C LEU B 206 0.96 25.53 -32.02
N SER B 207 0.38 24.36 -31.69
CA SER B 207 -1.01 24.11 -32.03
C SER B 207 -1.93 25.09 -31.35
N ASP B 208 -1.66 25.40 -30.08
CA ASP B 208 -2.51 26.33 -29.34
C ASP B 208 -2.57 27.69 -30.03
N MET B 209 -1.58 28.01 -30.85
CA MET B 209 -1.52 29.34 -31.46
C MET B 209 -2.19 29.39 -32.83
N VAL B 210 -2.12 28.29 -33.58
CA VAL B 210 -2.63 28.28 -34.96
C VAL B 210 -4.16 28.26 -34.88
N GLN B 211 -4.79 29.38 -35.19
CA GLN B 211 -6.23 29.47 -35.23
C GLN B 211 -6.77 28.88 -36.53
N GLU B 212 -8.09 28.69 -36.57
CA GLU B 212 -8.71 28.13 -37.77
C GLU B 212 -8.52 29.06 -38.97
N HIS B 213 -8.38 30.36 -38.74
CA HIS B 213 -8.18 31.31 -39.82
C HIS B 213 -6.70 31.56 -40.10
N ASP B 214 -5.79 31.01 -39.30
CA ASP B 214 -4.36 31.15 -39.55
C ASP B 214 -3.83 30.07 -40.47
N GLU B 215 -4.45 28.89 -40.50
CA GLU B 215 -4.02 27.84 -41.42
C GLU B 215 -3.97 28.33 -42.86
N PRO B 216 -4.99 29.00 -43.39
CA PRO B 216 -4.92 29.43 -44.80
C PRO B 216 -3.68 30.24 -45.11
N ILE B 217 -3.11 30.91 -44.12
CA ILE B 217 -1.86 31.62 -44.32
C ILE B 217 -0.67 30.71 -44.07
N LEU B 218 -0.70 29.98 -42.96
CA LEU B 218 0.48 29.31 -42.44
C LEU B 218 0.79 27.99 -43.16
N LYS B 219 -0.09 27.50 -44.05
CA LYS B 219 0.35 26.42 -44.93
C LYS B 219 1.30 26.95 -46.01
N HIS B 220 1.26 28.24 -46.30
CA HIS B 220 2.14 28.83 -47.30
C HIS B 220 3.57 29.01 -46.80
N LEU B 221 3.89 28.50 -45.63
CA LEU B 221 5.26 28.54 -45.12
C LEU B 221 6.10 27.56 -45.91
N LYS B 222 6.85 28.07 -46.89
CA LYS B 222 7.71 27.22 -47.70
C LYS B 222 8.74 26.52 -46.82
N ASP B 223 9.34 27.26 -45.90
CA ASP B 223 10.41 26.69 -45.09
C ASP B 223 10.58 27.48 -43.81
N ILE B 224 11.05 26.81 -42.77
CA ILE B 224 11.60 27.46 -41.59
C ILE B 224 13.07 27.09 -41.51
N LYS B 225 13.92 28.06 -41.20
CA LYS B 225 15.32 27.69 -41.02
C LYS B 225 16.02 28.71 -40.15
N VAL B 226 17.02 28.23 -39.42
CA VAL B 226 17.67 28.98 -38.37
C VAL B 226 19.05 29.37 -38.86
N LYS B 227 19.18 30.59 -39.39
CA LYS B 227 20.50 31.16 -39.59
C LYS B 227 21.07 31.62 -38.27
N PHE B 228 22.39 31.66 -38.18
CA PHE B 228 23.08 32.08 -36.98
C PHE B 228 23.93 33.31 -37.28
N SER B 229 24.16 34.11 -36.24
CA SER B 229 24.92 35.34 -36.42
C SER B 229 26.34 35.02 -36.85
N ASP B 230 26.86 35.82 -37.78
CA ASP B 230 28.25 35.68 -38.20
C ASP B 230 29.17 36.09 -37.06
N ALA B 231 30.46 35.86 -37.25
CA ALA B 231 31.43 36.25 -36.23
C ALA B 231 31.41 37.76 -36.03
N GLY B 232 31.58 38.18 -34.78
CA GLY B 232 31.59 39.58 -34.42
C GLY B 232 30.23 40.15 -34.13
N GLN B 233 29.20 39.74 -34.88
CA GLN B 233 27.85 40.22 -34.62
C GLN B 233 27.32 39.65 -33.31
N PRO B 234 26.35 40.31 -32.70
CA PRO B 234 25.83 39.83 -31.42
C PRO B 234 25.24 38.44 -31.53
N MET B 235 25.33 37.69 -30.42
CA MET B 235 24.79 36.34 -30.37
C MET B 235 23.31 36.35 -30.72
N SER B 236 22.95 35.74 -31.84
CA SER B 236 21.57 35.77 -32.30
C SER B 236 21.33 34.64 -33.28
N PHE B 237 20.06 34.29 -33.46
CA PHE B 237 19.69 33.35 -34.52
C PHE B 237 18.36 33.80 -35.11
N VAL B 238 18.25 33.68 -36.42
CA VAL B 238 17.10 34.14 -37.18
C VAL B 238 16.31 32.94 -37.64
N LEU B 239 15.05 32.84 -37.18
CA LEU B 239 14.14 31.78 -37.58
C LEU B 239 13.40 32.24 -38.82
N GLU B 240 14.12 32.31 -39.93
CA GLU B 240 13.52 32.87 -41.13
C GLU B 240 12.44 31.93 -41.65
N PHE B 241 11.30 32.53 -42.00
CA PHE B 241 10.14 31.81 -42.52
C PHE B 241 10.04 32.21 -43.99
N HIS B 242 10.49 31.32 -44.88
CA HIS B 242 10.27 31.51 -46.30
C HIS B 242 8.84 31.15 -46.65
N PHE B 243 8.14 32.09 -47.28
CA PHE B 243 6.76 31.92 -47.71
C PHE B 243 6.72 31.97 -49.23
N GLU B 244 5.95 31.08 -49.84
CA GLU B 244 5.70 31.17 -51.26
C GLU B 244 4.85 32.39 -51.56
N PRO B 245 4.85 32.88 -52.81
CA PRO B 245 3.98 34.00 -53.15
C PRO B 245 2.54 33.73 -52.70
N ASN B 246 2.07 34.49 -51.72
CA ASN B 246 0.79 34.24 -51.08
C ASN B 246 -0.20 35.33 -51.45
N GLU B 247 -1.44 35.14 -51.01
CA GLU B 247 -2.50 36.11 -51.20
C GLU B 247 -2.69 37.02 -50.01
N TYR B 248 -1.86 36.91 -48.98
CA TYR B 248 -2.07 37.61 -47.73
C TYR B 248 -1.11 38.76 -47.52
N PHE B 249 0.21 38.53 -47.66
CA PHE B 249 1.17 39.61 -47.64
C PHE B 249 2.31 39.26 -48.60
N THR B 250 2.94 40.31 -49.12
CA THR B 250 3.90 40.16 -50.21
C THR B 250 5.32 39.82 -49.73
N ASN B 251 5.53 39.73 -48.42
CA ASN B 251 6.87 39.42 -47.92
C ASN B 251 7.32 38.05 -48.40
N GLU B 252 8.55 37.98 -48.90
CA GLU B 252 9.13 36.70 -49.27
C GLU B 252 9.55 35.89 -48.05
N VAL B 253 10.08 36.57 -47.03
CA VAL B 253 10.55 35.92 -45.82
C VAL B 253 10.20 36.79 -44.63
N LEU B 254 9.76 36.15 -43.54
CA LEU B 254 9.59 36.83 -42.26
C LEU B 254 10.69 36.35 -41.30
N THR B 255 11.48 37.28 -40.79
CA THR B 255 12.67 36.94 -40.02
C THR B 255 12.44 37.41 -38.59
N LYS B 256 11.84 36.54 -37.77
CA LYS B 256 11.67 36.83 -36.35
C LYS B 256 12.99 36.56 -35.63
N THR B 257 13.93 37.47 -35.84
CA THR B 257 15.24 37.36 -35.21
C THR B 257 15.10 37.35 -33.69
N TYR B 258 15.82 36.42 -33.06
CA TYR B 258 15.99 36.42 -31.61
C TYR B 258 17.43 36.79 -31.28
N ARG B 259 17.66 37.15 -30.03
CA ARG B 259 19.01 37.48 -29.58
C ARG B 259 19.24 36.87 -28.20
N MET B 260 20.39 36.24 -28.06
CA MET B 260 20.82 35.64 -26.81
C MET B 260 21.63 36.65 -26.02
N ARG B 261 22.09 36.23 -24.85
CA ARG B 261 23.11 36.97 -24.11
C ARG B 261 24.17 35.98 -23.65
N SER B 262 25.32 36.00 -24.33
CA SER B 262 26.45 35.20 -23.89
C SER B 262 27.10 35.76 -22.64
N GLU B 263 26.73 36.95 -22.22
CA GLU B 263 27.46 37.65 -21.18
C GLU B 263 26.74 37.50 -19.84
N PRO B 264 27.47 37.29 -18.75
CA PRO B 264 26.87 37.44 -17.41
C PRO B 264 26.79 38.91 -17.02
N ASP B 265 25.59 39.46 -17.02
CA ASP B 265 25.40 40.85 -16.66
C ASP B 265 25.82 41.08 -15.21
N ASP B 266 26.38 42.26 -14.94
CA ASP B 266 26.92 42.55 -13.61
C ASP B 266 25.84 42.42 -12.53
N SER B 267 24.57 42.64 -12.88
CA SER B 267 23.51 42.59 -11.88
C SER B 267 23.42 41.20 -11.26
N ASP B 268 23.52 40.15 -12.09
CA ASP B 268 23.44 38.78 -11.61
C ASP B 268 24.18 37.88 -12.59
N PRO B 269 25.51 37.84 -12.51
CA PRO B 269 26.26 37.00 -13.45
C PRO B 269 25.85 35.54 -13.40
N PHE B 270 25.52 35.05 -12.21
CA PHE B 270 25.14 33.65 -12.04
C PHE B 270 23.79 33.34 -12.66
N SER B 271 23.05 34.35 -13.11
CA SER B 271 21.84 34.10 -13.89
C SER B 271 22.16 33.52 -15.26
N PHE B 272 23.42 33.54 -15.68
CA PHE B 272 23.81 32.99 -16.97
C PHE B 272 23.80 31.48 -16.93
N ASP B 273 22.62 30.88 -16.86
CA ASP B 273 22.49 29.42 -16.91
C ASP B 273 22.79 28.86 -18.29
N GLY B 274 23.22 29.68 -19.24
CA GLY B 274 23.43 29.23 -20.59
C GLY B 274 23.09 30.30 -21.60
N PRO B 275 22.88 29.91 -22.86
CA PRO B 275 22.45 30.87 -23.87
C PRO B 275 21.00 31.29 -23.67
N GLU B 276 20.75 32.12 -22.66
CA GLU B 276 19.40 32.56 -22.38
C GLU B 276 18.87 33.43 -23.53
N ILE B 277 17.54 33.36 -23.71
CA ILE B 277 16.86 34.12 -24.76
C ILE B 277 16.12 35.25 -24.08
N MET B 278 16.73 36.42 -23.98
CA MET B 278 16.01 37.64 -23.62
C MET B 278 16.33 38.69 -24.65
N GLY B 279 15.31 39.18 -25.35
CA GLY B 279 15.47 40.04 -26.49
C GLY B 279 14.75 39.45 -27.68
N CYS B 280 14.26 40.30 -28.58
CA CYS B 280 13.57 39.82 -29.76
C CYS B 280 13.41 40.98 -30.74
N THR B 281 13.27 40.64 -32.01
CA THR B 281 13.08 41.63 -33.06
C THR B 281 12.24 41.00 -34.17
N GLY B 282 10.96 41.33 -34.21
CA GLY B 282 10.07 40.86 -35.23
C GLY B 282 10.23 41.67 -36.51
N CYS B 283 9.24 41.52 -37.37
CA CYS B 283 9.20 42.20 -38.66
C CYS B 283 7.79 42.67 -38.93
N GLN B 284 7.69 43.66 -39.81
CA GLN B 284 6.40 44.27 -40.15
C GLN B 284 5.87 43.66 -41.43
N ILE B 285 4.60 43.25 -41.40
CA ILE B 285 3.97 42.55 -42.50
C ILE B 285 2.79 43.38 -42.98
N ASP B 286 2.85 43.83 -44.22
CA ASP B 286 1.76 44.58 -44.84
C ASP B 286 0.84 43.60 -45.55
N TRP B 287 -0.46 43.75 -45.32
CA TRP B 287 -1.45 42.78 -45.77
C TRP B 287 -2.12 43.25 -47.05
N LYS B 288 -2.31 42.32 -47.99
CA LYS B 288 -3.13 42.60 -49.15
C LYS B 288 -4.58 42.84 -48.72
N LYS B 289 -5.26 43.71 -49.45
CA LYS B 289 -6.59 44.16 -49.03
C LYS B 289 -7.53 42.97 -48.87
N GLY B 290 -8.27 42.96 -47.77
CA GLY B 290 -9.34 42.01 -47.56
C GLY B 290 -8.92 40.65 -47.03
N LYS B 291 -7.66 40.50 -46.60
CA LYS B 291 -7.17 39.20 -46.14
C LYS B 291 -6.48 39.23 -44.78
N ASN B 292 -6.18 40.41 -44.22
CA ASN B 292 -5.46 40.45 -42.97
C ASN B 292 -6.22 39.70 -41.87
N VAL B 293 -5.46 39.00 -41.03
CA VAL B 293 -6.04 38.23 -39.93
C VAL B 293 -5.60 38.74 -38.57
N THR B 294 -4.62 39.64 -38.49
CA THR B 294 -4.15 40.14 -37.20
C THR B 294 -5.10 41.13 -36.57
N LEU B 295 -6.02 41.71 -37.34
CA LEU B 295 -6.99 42.68 -36.81
C LEU B 295 -8.37 42.34 -37.35
N LYS B 296 -9.39 42.72 -36.58
CA LYS B 296 -10.77 42.52 -36.99
C LYS B 296 -11.61 43.71 -36.56
N THR B 297 -12.71 43.92 -37.27
CA THR B 297 -13.54 45.11 -37.09
C THR B 297 -14.71 44.78 -36.16
N ILE B 298 -14.82 45.54 -35.08
CA ILE B 298 -15.96 45.48 -34.17
C ILE B 298 -16.82 46.70 -34.43
N LYS B 299 -18.13 46.57 -34.20
CA LYS B 299 -19.09 47.60 -34.55
C LYS B 299 -19.99 47.92 -33.36
N LYS B 300 -20.44 49.18 -33.32
CA LYS B 300 -21.41 49.63 -32.33
C LYS B 300 -22.38 50.57 -33.02
N LYS B 301 -23.56 50.74 -32.42
CA LYS B 301 -24.60 51.58 -32.99
C LYS B 301 -25.17 52.51 -31.92
N GLN B 302 -25.36 53.77 -32.29
CA GLN B 302 -25.95 54.77 -31.40
C GLN B 302 -27.00 55.57 -32.17
N LYS B 303 -28.12 55.85 -31.51
CA LYS B 303 -29.22 56.55 -32.14
C LYS B 303 -29.03 58.06 -32.02
N HIS B 304 -29.07 58.76 -33.15
CA HIS B 304 -28.97 60.21 -33.15
C HIS B 304 -30.22 60.82 -32.52
N LYS B 305 -30.02 61.80 -31.64
CA LYS B 305 -31.16 62.38 -30.92
C LYS B 305 -32.03 63.21 -31.84
N GLY B 306 -31.42 64.04 -32.69
CA GLY B 306 -32.18 64.91 -33.57
C GLY B 306 -32.80 64.19 -34.74
N ARG B 307 -31.95 63.59 -35.59
CA ARG B 307 -32.47 62.91 -36.77
C ARG B 307 -33.15 61.59 -36.43
N GLY B 308 -32.74 60.95 -35.34
CA GLY B 308 -33.24 59.63 -35.00
C GLY B 308 -32.53 58.49 -35.69
N THR B 309 -31.56 58.79 -36.55
CA THR B 309 -30.85 57.75 -37.28
C THR B 309 -29.97 56.94 -36.33
N VAL B 310 -29.94 55.63 -36.56
CA VAL B 310 -29.09 54.72 -35.78
C VAL B 310 -27.74 54.66 -36.50
N ARG B 311 -26.86 55.61 -36.19
CA ARG B 311 -25.56 55.65 -36.82
C ARG B 311 -24.67 54.54 -36.26
N THR B 312 -23.68 54.14 -37.05
CA THR B 312 -22.81 53.03 -36.74
C THR B 312 -21.36 53.50 -36.68
N VAL B 313 -20.60 52.94 -35.75
CA VAL B 313 -19.17 53.22 -35.59
C VAL B 313 -18.43 51.89 -35.59
N THR B 314 -17.20 51.92 -36.09
CA THR B 314 -16.38 50.73 -36.23
C THR B 314 -15.00 50.98 -35.64
N LYS B 315 -14.39 49.91 -35.12
CA LYS B 315 -13.06 49.99 -34.54
C LYS B 315 -12.30 48.71 -34.83
N THR B 316 -11.02 48.86 -35.17
CA THR B 316 -10.15 47.72 -35.43
C THR B 316 -9.54 47.27 -34.11
N VAL B 317 -9.72 45.99 -33.78
CA VAL B 317 -9.25 45.42 -32.52
C VAL B 317 -8.43 44.18 -32.83
N SER B 318 -7.48 43.89 -31.93
CA SER B 318 -6.61 42.75 -32.12
C SER B 318 -7.41 41.45 -32.17
N ASN B 319 -7.07 40.60 -33.13
CA ASN B 319 -7.71 39.30 -33.31
C ASN B 319 -6.70 38.22 -33.00
N ASP B 320 -7.12 37.22 -32.22
CA ASP B 320 -6.23 36.12 -31.88
C ASP B 320 -5.72 35.45 -33.14
N SER B 321 -4.42 35.58 -33.42
CA SER B 321 -3.85 35.06 -34.64
C SER B 321 -2.43 34.60 -34.37
N PHE B 322 -2.06 33.46 -34.96
CA PHE B 322 -0.68 32.98 -34.84
C PHE B 322 0.31 34.04 -35.27
N PHE B 323 -0.04 34.84 -36.27
CA PHE B 323 0.90 35.79 -36.86
C PHE B 323 1.13 37.02 -35.99
N ASN B 324 0.31 37.23 -34.96
CA ASN B 324 0.67 38.22 -33.97
C ASN B 324 1.95 37.83 -33.25
N PHE B 325 2.38 36.57 -33.39
CA PHE B 325 3.68 36.11 -32.97
C PHE B 325 4.76 37.02 -33.54
N PHE B 326 4.59 37.42 -34.80
CA PHE B 326 5.62 38.20 -35.48
C PHE B 326 5.73 39.61 -34.92
N ALA B 327 4.64 40.15 -34.40
CA ALA B 327 4.64 41.50 -33.87
C ALA B 327 4.54 41.46 -32.35
N PRO B 328 5.65 41.26 -31.65
CA PRO B 328 5.60 41.25 -30.19
C PRO B 328 5.39 42.66 -29.66
N PRO B 329 4.80 42.81 -28.48
CA PRO B 329 4.65 44.15 -27.91
C PRO B 329 6.02 44.75 -27.63
N GLU B 330 6.29 45.91 -28.25
CA GLU B 330 7.57 46.57 -28.04
C GLU B 330 7.78 46.85 -26.56
N VAL B 331 8.99 46.55 -26.08
CA VAL B 331 9.31 46.65 -24.66
C VAL B 331 9.65 48.10 -24.34
N PRO B 332 8.95 48.74 -23.39
CA PRO B 332 9.39 50.07 -22.95
C PRO B 332 10.79 50.02 -22.36
N GLU B 333 11.53 51.10 -22.57
CA GLU B 333 12.93 51.14 -22.13
C GLU B 333 13.04 50.99 -20.62
N SER B 334 12.17 51.68 -19.87
CA SER B 334 12.22 51.64 -18.43
C SER B 334 11.83 50.27 -17.85
N GLY B 335 11.28 49.38 -18.67
CA GLY B 335 10.85 48.08 -18.19
C GLY B 335 9.43 48.04 -17.67
N ASP B 336 8.64 49.10 -17.88
CA ASP B 336 7.26 49.13 -17.42
C ASP B 336 6.41 48.27 -18.35
N LEU B 337 6.57 46.96 -18.18
CA LEU B 337 5.84 45.97 -18.97
C LEU B 337 4.67 45.45 -18.13
N ASP B 338 3.46 45.57 -18.67
CA ASP B 338 2.31 44.98 -18.01
C ASP B 338 2.43 43.47 -18.02
N ASP B 339 1.80 42.82 -17.02
CA ASP B 339 1.95 41.39 -16.86
C ASP B 339 1.64 40.64 -18.15
N ASP B 340 0.67 41.15 -18.91
CA ASP B 340 0.37 40.53 -20.20
C ASP B 340 1.58 40.56 -21.11
N ALA B 341 2.30 41.69 -21.15
CA ALA B 341 3.48 41.78 -21.99
C ALA B 341 4.55 40.79 -21.55
N GLU B 342 4.78 40.69 -20.24
CA GLU B 342 5.80 39.75 -19.76
C GLU B 342 5.43 38.31 -20.11
N ALA B 343 4.17 37.93 -19.88
CA ALA B 343 3.76 36.56 -20.16
C ALA B 343 3.84 36.25 -21.65
N ILE B 344 3.36 37.16 -22.50
CA ILE B 344 3.37 36.90 -23.94
C ILE B 344 4.81 36.87 -24.45
N LEU B 345 5.67 37.71 -23.90
CA LEU B 345 7.07 37.68 -24.31
C LEU B 345 7.74 36.37 -23.90
N ALA B 346 7.44 35.89 -22.69
CA ALA B 346 7.98 34.60 -22.28
C ALA B 346 7.49 33.49 -23.20
N ALA B 347 6.22 33.51 -23.58
CA ALA B 347 5.70 32.51 -24.50
C ALA B 347 6.42 32.59 -25.84
N ASP B 348 6.56 33.80 -26.38
CA ASP B 348 7.26 33.98 -27.65
C ASP B 348 8.69 33.45 -27.57
N PHE B 349 9.37 33.73 -26.46
CA PHE B 349 10.78 33.36 -26.33
C PHE B 349 10.95 31.85 -26.23
N GLU B 350 10.14 31.20 -25.40
CA GLU B 350 10.20 29.74 -25.33
C GLU B 350 9.83 29.11 -26.66
N ILE B 351 8.86 29.69 -27.38
CA ILE B 351 8.51 29.17 -28.69
C ILE B 351 9.69 29.27 -29.65
N GLY B 352 10.40 30.40 -29.62
CA GLY B 352 11.55 30.54 -30.49
C GLY B 352 12.65 29.55 -30.17
N HIS B 353 12.95 29.38 -28.87
CA HIS B 353 13.96 28.41 -28.48
C HIS B 353 13.56 27.01 -28.90
N PHE B 354 12.28 26.66 -28.73
CA PHE B 354 11.79 25.35 -29.13
C PHE B 354 11.94 25.15 -30.63
N LEU B 355 11.56 26.15 -31.42
CA LEU B 355 11.69 26.02 -32.87
C LEU B 355 13.14 25.97 -33.29
N ARG B 356 14.06 26.47 -32.47
CA ARG B 356 15.48 26.36 -32.80
C ARG B 356 16.00 24.96 -32.51
N GLU B 357 15.84 24.50 -31.27
CA GLU B 357 16.53 23.29 -30.83
C GLU B 357 15.77 22.01 -31.10
N ARG B 358 14.45 22.07 -31.26
CA ARG B 358 13.63 20.87 -31.35
C ARG B 358 13.06 20.65 -32.75
N ILE B 359 12.33 21.62 -33.30
CA ILE B 359 11.58 21.35 -34.52
C ILE B 359 12.49 21.34 -35.74
N ILE B 360 13.11 22.48 -36.06
CA ILE B 360 13.86 22.57 -37.31
C ILE B 360 14.99 21.55 -37.36
N PRO B 361 15.77 21.30 -36.30
CA PRO B 361 16.77 20.23 -36.42
C PRO B 361 16.17 18.84 -36.52
N ARG B 362 15.10 18.58 -35.78
CA ARG B 362 14.49 17.25 -35.74
C ARG B 362 13.05 17.32 -36.23
N SER B 363 12.82 18.03 -37.34
CA SER B 363 11.45 18.25 -37.79
C SER B 363 10.70 16.95 -38.00
N VAL B 364 11.37 15.93 -38.53
CA VAL B 364 10.67 14.73 -38.95
C VAL B 364 10.16 13.95 -37.75
N LEU B 365 10.96 13.88 -36.69
CA LEU B 365 10.52 13.18 -35.49
C LEU B 365 9.20 13.75 -34.98
N TYR B 366 8.94 15.03 -35.24
CA TYR B 366 7.71 15.67 -34.83
C TYR B 366 6.62 15.59 -35.89
N PHE B 367 6.99 15.56 -37.17
CA PHE B 367 5.98 15.53 -38.22
C PHE B 367 5.17 14.24 -38.17
N THR B 368 5.85 13.11 -37.97
CA THR B 368 5.19 11.81 -37.96
C THR B 368 4.63 11.46 -36.59
N GLY B 369 4.84 12.29 -35.58
CA GLY B 369 4.35 12.02 -34.26
C GLY B 369 5.29 11.24 -33.37
N GLU B 370 6.44 10.83 -33.89
CA GLU B 370 7.40 10.09 -33.06
C GLU B 370 7.93 10.96 -31.93
N ALA B 371 7.99 12.27 -32.14
CA ALA B 371 8.39 13.16 -31.07
C ALA B 371 7.31 13.24 -30.01
N ILE B 372 7.73 13.25 -28.75
CA ILE B 372 6.79 13.14 -27.64
C ILE B 372 6.05 14.46 -27.44
N GLU B 373 6.75 15.59 -27.54
CA GLU B 373 6.12 16.91 -27.52
C GLU B 373 5.32 17.16 -26.24
N ASP B 374 5.75 16.58 -25.13
CA ASP B 374 5.05 16.77 -23.86
C ASP B 374 3.57 16.40 -24.00
N VAL C 98 3.55 7.52 -51.32
CA VAL C 98 4.18 8.61 -52.04
C VAL C 98 4.78 9.59 -51.04
N VAL C 99 3.92 10.26 -50.28
CA VAL C 99 4.41 11.19 -49.27
C VAL C 99 5.14 10.44 -48.16
N LYS C 100 4.65 9.24 -47.81
CA LYS C 100 5.35 8.46 -46.79
C LYS C 100 6.75 8.08 -47.24
N ARG C 101 6.96 7.87 -48.54
CA ARG C 101 8.31 7.63 -49.03
C ARG C 101 9.21 8.81 -48.75
N ARG C 102 8.73 10.02 -49.00
CA ARG C 102 9.53 11.21 -48.73
C ARG C 102 9.76 11.40 -47.24
N VAL C 103 8.76 11.07 -46.42
CA VAL C 103 8.95 11.14 -44.98
C VAL C 103 10.06 10.17 -44.55
N ASN C 104 10.06 8.97 -45.12
CA ASN C 104 11.11 8.01 -44.79
C ASN C 104 12.48 8.48 -45.29
N ALA C 105 12.53 9.07 -46.48
CA ALA C 105 13.81 9.58 -46.97
C ALA C 105 14.34 10.66 -46.06
N LEU C 106 13.48 11.58 -45.65
CA LEU C 106 13.93 12.62 -44.74
C LEU C 106 14.19 12.04 -43.35
N LYS C 107 13.61 10.89 -43.04
CA LYS C 107 13.97 10.17 -41.83
C LYS C 107 15.40 9.66 -41.89
N ASN C 108 15.79 9.11 -43.04
CA ASN C 108 17.20 8.75 -43.24
C ASN C 108 18.08 9.98 -43.10
N LEU C 109 17.65 11.09 -43.70
CA LEU C 109 18.41 12.32 -43.58
C LEU C 109 18.52 12.76 -42.11
N GLN C 110 17.48 12.49 -41.32
CA GLN C 110 17.54 12.78 -39.90
C GLN C 110 18.51 11.87 -39.17
N VAL C 111 18.60 10.61 -39.60
CA VAL C 111 19.64 9.71 -39.05
C VAL C 111 21.03 10.28 -39.36
N LYS C 112 21.22 10.75 -40.58
CA LYS C 112 22.50 11.34 -40.94
C LYS C 112 22.79 12.58 -40.10
N CYS C 113 21.78 13.42 -39.90
CA CYS C 113 21.93 14.58 -39.04
C CYS C 113 22.25 14.16 -37.61
N ALA C 114 21.70 13.03 -37.17
CA ALA C 114 22.02 12.51 -35.85
C ALA C 114 23.48 12.11 -35.78
N GLN C 115 24.00 11.47 -36.84
CA GLN C 115 25.41 11.14 -36.88
C GLN C 115 26.27 12.40 -36.81
N ILE C 116 25.92 13.41 -37.59
CA ILE C 116 26.68 14.65 -37.57
C ILE C 116 26.58 15.32 -36.22
N GLU C 117 25.43 15.20 -35.55
CA GLU C 117 25.29 15.74 -34.22
C GLU C 117 26.11 14.96 -33.21
N ALA C 118 26.28 13.66 -33.44
CA ALA C 118 27.21 12.89 -32.61
C ALA C 118 28.63 13.41 -32.76
N LYS C 119 29.04 13.68 -34.00
CA LYS C 119 30.35 14.30 -34.19
C LYS C 119 30.41 15.67 -33.55
N PHE C 120 29.30 16.42 -33.63
CA PHE C 120 29.25 17.74 -32.99
C PHE C 120 29.45 17.62 -31.50
N TYR C 121 28.82 16.64 -30.86
CA TYR C 121 28.96 16.49 -29.43
C TYR C 121 30.33 15.94 -29.06
N GLU C 122 30.94 15.14 -29.94
CA GLU C 122 32.33 14.76 -29.74
C GLU C 122 33.23 15.99 -29.73
N GLU C 123 33.02 16.90 -30.67
CA GLU C 123 33.82 18.12 -30.67
C GLU C 123 33.45 19.05 -29.53
N VAL C 124 32.21 18.95 -29.03
CA VAL C 124 31.85 19.68 -27.83
C VAL C 124 32.61 19.13 -26.64
N HIS C 125 32.81 17.82 -26.60
CA HIS C 125 33.65 17.22 -25.57
C HIS C 125 35.10 17.62 -25.74
N ASP C 126 35.56 17.77 -26.98
CA ASP C 126 36.91 18.27 -27.21
C ASP C 126 37.06 19.69 -26.67
N LEU C 127 36.06 20.55 -26.96
CA LEU C 127 36.03 21.87 -26.36
C LEU C 127 35.96 21.77 -24.84
N GLU C 128 35.33 20.72 -24.33
CA GLU C 128 35.26 20.55 -22.88
C GLU C 128 36.62 20.20 -22.31
N ARG C 129 37.42 19.38 -23.01
CA ARG C 129 38.79 19.14 -22.60
C ARG C 129 39.60 20.44 -22.64
N LYS C 130 39.48 21.19 -23.74
CA LYS C 130 40.23 22.43 -23.86
C LYS C 130 39.84 23.40 -22.75
N TYR C 131 38.55 23.52 -22.47
CA TYR C 131 38.10 24.41 -21.42
C TYR C 131 38.33 23.85 -20.04
N ALA C 132 38.55 22.54 -19.91
CA ALA C 132 39.02 22.01 -18.65
C ALA C 132 40.46 22.45 -18.40
N VAL C 133 41.28 22.42 -19.44
CA VAL C 133 42.62 22.99 -19.32
C VAL C 133 42.53 24.47 -18.97
N LEU C 134 41.60 25.19 -19.60
CA LEU C 134 41.41 26.60 -19.31
C LEU C 134 40.94 26.81 -17.86
N TYR C 135 40.04 25.95 -17.38
CA TYR C 135 39.60 26.01 -16.00
C TYR C 135 40.74 25.69 -15.05
N GLN C 136 41.73 24.92 -15.52
CA GLN C 136 42.72 24.36 -14.63
C GLN C 136 43.29 25.40 -13.66
N PRO C 137 43.63 26.61 -14.07
CA PRO C 137 43.95 27.65 -13.06
C PRO C 137 42.82 27.89 -12.07
N LEU C 138 41.60 28.12 -12.56
CA LEU C 138 40.50 28.47 -11.67
C LEU C 138 40.11 27.29 -10.78
N PHE C 139 39.95 26.11 -11.38
CA PHE C 139 39.59 24.94 -10.59
C PHE C 139 40.70 24.56 -9.62
N ASP C 140 41.97 24.76 -10.00
CA ASP C 140 43.05 24.48 -9.07
C ASP C 140 43.08 25.49 -7.93
N LYS C 141 42.75 26.75 -8.21
CA LYS C 141 42.62 27.71 -7.11
C LYS C 141 41.49 27.31 -6.19
N ARG C 142 40.38 26.81 -6.76
CA ARG C 142 39.29 26.28 -5.96
C ARG C 142 39.78 25.13 -5.08
N PHE C 143 40.52 24.20 -5.68
CA PHE C 143 41.04 23.04 -4.96
C PHE C 143 41.97 23.46 -3.83
N GLU C 144 42.86 24.41 -4.10
CA GLU C 144 43.79 24.88 -3.09
C GLU C 144 43.06 25.58 -1.96
N ILE C 145 42.10 26.45 -2.28
CA ILE C 145 41.36 27.16 -1.25
C ILE C 145 40.57 26.17 -0.40
N ILE C 146 39.95 25.18 -1.03
CA ILE C 146 39.21 24.17 -0.28
C ILE C 146 40.16 23.40 0.63
N ASN C 147 41.34 23.04 0.12
CA ASN C 147 42.37 22.39 0.91
C ASN C 147 43.27 23.38 1.65
N ALA C 148 43.03 24.68 1.52
CA ALA C 148 43.82 25.71 2.18
C ALA C 148 45.28 25.69 1.75
N ILE C 149 45.56 25.12 0.58
CA ILE C 149 46.93 25.10 0.07
C ILE C 149 47.42 26.54 -0.15
N TYR C 150 46.59 27.39 -0.73
CA TYR C 150 46.90 28.79 -0.91
C TYR C 150 45.71 29.63 -0.50
N GLU C 151 45.98 30.86 -0.08
CA GLU C 151 44.92 31.77 0.38
C GLU C 151 44.02 32.17 -0.78
N GLY C 191 40.55 25.90 5.08
CA GLY C 191 39.80 25.89 3.83
C GLY C 191 38.32 26.03 4.06
N ILE C 192 37.52 25.38 3.21
CA ILE C 192 36.07 25.40 3.35
C ILE C 192 35.65 24.09 4.01
N PRO C 193 35.28 24.08 5.29
CA PRO C 193 34.90 22.82 5.92
C PRO C 193 33.68 22.21 5.24
N GLU C 194 33.68 20.88 5.15
CA GLU C 194 32.53 20.13 4.67
C GLU C 194 31.95 20.74 3.40
N PHE C 195 32.82 21.26 2.53
CA PHE C 195 32.35 21.89 1.31
C PHE C 195 31.48 20.93 0.50
N TRP C 196 32.04 19.79 0.12
CA TRP C 196 31.30 18.88 -0.76
C TRP C 196 30.20 18.15 0.00
N LEU C 197 30.41 17.86 1.28
CA LEU C 197 29.32 17.32 2.08
C LEU C 197 28.16 18.31 2.14
N THR C 198 28.46 19.59 2.33
CA THR C 198 27.42 20.61 2.32
C THR C 198 26.69 20.62 0.99
N VAL C 199 27.44 20.70 -0.11
CA VAL C 199 26.80 20.76 -1.42
C VAL C 199 25.97 19.52 -1.68
N PHE C 200 26.35 18.39 -1.08
CA PHE C 200 25.53 17.20 -1.19
C PHE C 200 24.26 17.31 -0.36
N LYS C 201 24.32 18.04 0.76
CA LYS C 201 23.14 18.18 1.61
C LYS C 201 22.14 19.17 1.02
N ASN C 202 22.61 20.27 0.42
CA ASN C 202 21.71 21.30 -0.08
C ASN C 202 20.94 20.87 -1.32
N VAL C 203 21.28 19.74 -1.92
CA VAL C 203 20.62 19.25 -3.14
C VAL C 203 19.80 18.03 -2.79
N ASP C 204 18.56 17.98 -3.29
CA ASP C 204 17.69 16.86 -2.96
C ASP C 204 18.26 15.54 -3.46
N LEU C 205 18.78 15.52 -4.70
CA LEU C 205 19.24 14.27 -5.28
C LEU C 205 20.41 13.69 -4.51
N LEU C 206 21.35 14.53 -4.08
CA LEU C 206 22.54 14.05 -3.39
C LEU C 206 22.34 13.89 -1.89
N SER C 207 21.57 14.78 -1.26
CA SER C 207 21.35 14.67 0.18
C SER C 207 20.59 13.40 0.53
N ASP C 208 19.75 12.91 -0.37
CA ASP C 208 19.01 11.68 -0.11
C ASP C 208 19.92 10.47 0.01
N MET C 209 21.16 10.56 -0.45
CA MET C 209 22.06 9.43 -0.44
C MET C 209 22.91 9.38 0.82
N VAL C 210 23.20 10.52 1.43
CA VAL C 210 24.10 10.57 2.58
C VAL C 210 23.34 10.11 3.82
N GLN C 211 23.71 8.96 4.36
CA GLN C 211 23.13 8.44 5.59
C GLN C 211 23.89 9.03 6.79
N GLU C 212 23.63 8.49 7.98
CA GLU C 212 24.34 8.94 9.17
C GLU C 212 25.79 8.46 9.16
N HIS C 213 26.05 7.28 8.61
CA HIS C 213 27.41 6.77 8.49
C HIS C 213 28.09 7.21 7.21
N ASP C 214 27.39 7.91 6.32
CA ASP C 214 28.03 8.45 5.13
C ASP C 214 28.81 9.73 5.43
N GLU C 215 28.28 10.57 6.31
CA GLU C 215 28.95 11.84 6.59
C GLU C 215 30.38 11.65 7.04
N PRO C 216 30.70 10.74 7.98
CA PRO C 216 32.08 10.66 8.47
C PRO C 216 33.10 10.44 7.38
N ILE C 217 32.73 9.73 6.31
CA ILE C 217 33.63 9.45 5.21
C ILE C 217 33.47 10.45 4.09
N LEU C 218 32.24 10.90 3.85
CA LEU C 218 31.99 11.79 2.72
C LEU C 218 32.47 13.21 2.97
N LYS C 219 32.57 13.66 4.23
CA LYS C 219 33.16 14.99 4.42
C LYS C 219 34.64 14.98 4.08
N HIS C 220 35.26 13.81 4.06
CA HIS C 220 36.65 13.71 3.61
C HIS C 220 36.78 13.90 2.11
N LEU C 221 35.67 13.87 1.37
CA LEU C 221 35.67 14.32 -0.01
C LEU C 221 36.17 15.75 -0.03
N LYS C 222 37.38 15.98 -0.55
CA LYS C 222 37.99 17.29 -0.49
C LYS C 222 38.34 17.86 -1.85
N ASP C 223 37.85 17.23 -2.92
CA ASP C 223 37.84 17.84 -4.25
C ASP C 223 37.10 16.94 -5.22
N ILE C 224 36.56 17.52 -6.29
CA ILE C 224 35.94 16.76 -7.37
C ILE C 224 36.39 17.36 -8.68
N LYS C 225 36.66 16.51 -9.67
CA LYS C 225 36.97 17.00 -11.00
C LYS C 225 36.55 16.00 -12.06
N VAL C 226 36.03 16.50 -13.17
CA VAL C 226 35.55 15.65 -14.25
C VAL C 226 36.64 15.61 -15.32
N LYS C 227 37.52 14.61 -15.23
CA LYS C 227 38.41 14.34 -16.34
C LYS C 227 37.59 13.97 -17.57
N PHE C 228 37.93 14.58 -18.70
CA PHE C 228 37.26 14.31 -19.96
C PHE C 228 38.13 13.36 -20.79
N SER C 229 37.48 12.36 -21.39
CA SER C 229 38.22 11.31 -22.06
C SER C 229 39.14 11.87 -23.12
N ASP C 230 40.34 11.29 -23.23
CA ASP C 230 41.29 11.73 -24.23
C ASP C 230 40.75 11.47 -25.63
N ALA C 231 41.27 12.22 -26.59
CA ALA C 231 40.79 12.13 -27.96
C ALA C 231 40.99 10.72 -28.51
N GLY C 232 40.03 10.27 -29.33
CA GLY C 232 40.11 8.96 -29.93
C GLY C 232 39.46 7.88 -29.09
N GLN C 233 39.66 7.94 -27.78
CA GLN C 233 39.09 6.96 -26.88
C GLN C 233 37.58 7.18 -26.75
N PRO C 234 36.85 6.17 -26.29
CA PRO C 234 35.39 6.31 -26.17
C PRO C 234 35.02 7.46 -25.25
N MET C 235 33.92 8.13 -25.60
CA MET C 235 33.45 9.26 -24.82
C MET C 235 33.16 8.82 -23.39
N SER C 236 33.93 9.36 -22.44
CA SER C 236 33.74 9.03 -21.03
C SER C 236 34.16 10.22 -20.20
N PHE C 237 33.50 10.41 -19.06
CA PHE C 237 33.90 11.42 -18.09
C PHE C 237 34.15 10.71 -16.77
N VAL C 238 35.35 10.89 -16.23
CA VAL C 238 35.83 10.13 -15.09
C VAL C 238 35.68 11.01 -13.86
N LEU C 239 34.55 10.86 -13.15
CA LEU C 239 34.33 11.63 -11.94
C LEU C 239 35.45 11.30 -10.97
N GLU C 240 36.29 12.28 -10.64
CA GLU C 240 37.45 12.09 -9.80
C GLU C 240 37.09 12.64 -8.42
N PHE C 241 36.96 11.72 -7.46
CA PHE C 241 36.56 12.00 -6.09
C PHE C 241 37.75 11.61 -5.21
N HIS C 242 38.70 12.53 -5.04
CA HIS C 242 40.01 12.07 -4.57
C HIS C 242 39.97 11.51 -3.15
N PHE C 243 38.97 11.89 -2.35
CA PHE C 243 38.73 11.27 -1.05
C PHE C 243 40.02 11.13 -0.26
N GLU C 244 40.55 12.28 0.16
CA GLU C 244 41.79 12.28 0.93
C GLU C 244 41.75 11.14 1.94
N PRO C 245 42.60 10.13 1.80
CA PRO C 245 42.42 8.89 2.57
C PRO C 245 42.64 9.13 4.06
N ASN C 246 41.62 8.80 4.85
CA ASN C 246 41.70 8.99 6.30
C ASN C 246 40.76 7.99 6.97
N GLU C 247 41.31 6.86 7.43
CA GLU C 247 40.74 6.01 8.47
C GLU C 247 39.59 5.12 8.00
N TYR C 248 39.27 5.07 6.71
CA TYR C 248 38.15 4.24 6.29
C TYR C 248 38.47 3.34 5.10
N PHE C 249 39.35 3.78 4.22
CA PHE C 249 39.80 2.96 3.09
C PHE C 249 41.16 3.45 2.64
N THR C 250 41.84 2.61 1.87
CA THR C 250 43.21 2.86 1.45
C THR C 250 43.32 3.47 0.06
N ASN C 251 42.21 3.81 -0.58
CA ASN C 251 42.26 4.41 -1.91
C ASN C 251 42.77 5.84 -1.80
N GLU C 252 43.95 6.11 -2.37
CA GLU C 252 44.47 7.47 -2.39
C GLU C 252 43.59 8.39 -3.21
N VAL C 253 43.17 7.94 -4.39
CA VAL C 253 42.29 8.69 -5.27
C VAL C 253 41.25 7.72 -5.81
N LEU C 254 40.01 8.17 -5.88
CA LEU C 254 38.89 7.30 -6.22
C LEU C 254 38.17 7.88 -7.42
N THR C 255 37.44 7.02 -8.13
CA THR C 255 36.76 7.44 -9.34
C THR C 255 35.48 6.64 -9.50
N LYS C 256 34.60 7.17 -10.34
CA LYS C 256 33.32 6.55 -10.67
C LYS C 256 33.11 6.63 -12.17
N THR C 257 34.11 6.21 -12.94
CA THR C 257 34.09 6.32 -14.40
C THR C 257 32.72 5.97 -14.96
N TYR C 258 32.24 6.81 -15.86
CA TYR C 258 30.95 6.65 -16.51
C TYR C 258 31.17 6.49 -18.01
N ARG C 259 30.09 6.16 -18.71
CA ARG C 259 30.14 5.91 -20.14
C ARG C 259 29.06 6.75 -20.83
N MET C 260 29.48 7.55 -21.80
CA MET C 260 28.58 8.36 -22.61
C MET C 260 28.12 7.59 -23.83
N ARG C 261 26.98 8.00 -24.38
CA ARG C 261 26.53 7.51 -25.67
C ARG C 261 27.29 8.28 -26.74
N SER C 262 28.49 7.79 -27.06
CA SER C 262 29.34 8.49 -28.01
C SER C 262 28.62 8.71 -29.34
N GLU C 263 28.02 7.65 -29.87
CA GLU C 263 27.34 7.67 -31.15
C GLU C 263 25.96 7.05 -30.99
N PRO C 264 25.03 7.36 -31.87
CA PRO C 264 23.68 6.81 -31.75
C PRO C 264 23.68 5.30 -31.87
N ASP C 265 22.80 4.65 -31.11
CA ASP C 265 22.58 3.22 -31.27
C ASP C 265 21.90 2.97 -32.60
N ASP C 266 22.40 2.00 -33.36
CA ASP C 266 21.86 1.73 -34.69
C ASP C 266 20.40 1.32 -34.63
N SER C 267 19.94 0.79 -33.50
CA SER C 267 18.54 0.37 -33.40
C SER C 267 17.60 1.55 -33.48
N ASP C 268 17.94 2.67 -32.83
CA ASP C 268 17.07 3.84 -32.81
C ASP C 268 17.93 5.10 -32.70
N PRO C 269 18.45 5.61 -33.82
CA PRO C 269 19.34 6.78 -33.73
C PRO C 269 18.68 8.01 -33.14
N PHE C 270 17.38 8.19 -33.37
CA PHE C 270 16.71 9.39 -32.89
C PHE C 270 16.79 9.52 -31.39
N SER C 271 16.96 8.42 -30.66
CA SER C 271 17.09 8.48 -29.22
C SER C 271 18.34 9.23 -28.79
N PHE C 272 19.28 9.46 -29.71
CA PHE C 272 20.51 10.18 -29.41
C PHE C 272 20.19 11.66 -29.28
N ASP C 273 19.78 12.06 -28.08
CA ASP C 273 19.64 13.47 -27.75
C ASP C 273 20.98 14.11 -27.44
N GLY C 274 22.05 13.33 -27.39
CA GLY C 274 23.35 13.83 -27.05
C GLY C 274 24.14 12.77 -26.30
N PRO C 275 25.10 13.20 -25.50
CA PRO C 275 25.89 12.23 -24.69
C PRO C 275 25.12 11.73 -23.47
N GLU C 276 24.31 10.70 -23.70
CA GLU C 276 23.56 10.08 -22.61
C GLU C 276 24.43 9.03 -21.92
N ILE C 277 24.30 8.96 -20.60
CA ILE C 277 25.07 8.00 -19.81
C ILE C 277 24.43 6.62 -19.95
N MET C 278 25.25 5.62 -20.31
CA MET C 278 24.78 4.27 -20.61
C MET C 278 25.68 3.26 -19.90
N GLY C 279 25.92 3.50 -18.61
CA GLY C 279 26.71 2.58 -17.81
C GLY C 279 27.55 3.30 -16.81
N CYS C 280 27.95 2.58 -15.75
CA CYS C 280 28.76 3.16 -14.69
C CYS C 280 29.72 2.08 -14.18
N THR C 281 30.96 2.13 -14.64
CA THR C 281 31.93 1.10 -14.30
C THR C 281 32.06 0.96 -12.79
N GLY C 282 32.26 2.07 -12.09
CA GLY C 282 32.52 2.00 -10.68
C GLY C 282 33.92 1.50 -10.41
N CYS C 283 34.44 1.78 -9.22
CA CYS C 283 35.76 1.33 -8.83
C CYS C 283 35.68 0.06 -7.98
N GLN C 284 36.83 -0.37 -7.49
CA GLN C 284 36.93 -1.49 -6.56
C GLN C 284 37.54 -0.96 -5.26
N ILE C 285 36.70 -0.73 -4.25
CA ILE C 285 37.14 -0.08 -3.04
C ILE C 285 38.01 -1.03 -2.23
N ASP C 286 39.12 -0.50 -1.71
CA ASP C 286 39.99 -1.23 -0.80
C ASP C 286 39.66 -0.84 0.62
N TRP C 287 38.55 -1.38 1.13
CA TRP C 287 38.04 -0.99 2.43
C TRP C 287 39.04 -1.33 3.53
N LYS C 288 39.15 -0.44 4.51
CA LYS C 288 39.82 -0.77 5.77
C LYS C 288 38.81 -1.54 6.61
N LYS C 289 39.16 -2.77 6.98
CA LYS C 289 38.22 -3.65 7.67
C LYS C 289 37.67 -2.97 8.92
N GLY C 290 36.35 -3.00 9.07
CA GLY C 290 35.66 -2.40 10.20
C GLY C 290 34.84 -1.19 9.85
N LYS C 291 35.06 -0.58 8.67
CA LYS C 291 34.32 0.60 8.25
C LYS C 291 33.58 0.36 6.94
N ASN C 292 33.24 -0.88 6.63
CA ASN C 292 32.57 -1.21 5.39
C ASN C 292 31.10 -0.79 5.47
N VAL C 293 30.82 0.48 5.18
CA VAL C 293 29.47 1.00 5.32
C VAL C 293 28.49 0.39 4.35
N THR C 294 28.94 -0.44 3.42
CA THR C 294 28.04 -1.07 2.47
C THR C 294 27.39 -2.34 3.03
N LEU C 295 27.85 -2.85 4.16
CA LEU C 295 27.33 -4.06 4.75
C LEU C 295 27.12 -3.86 6.25
N LYS C 296 26.17 -4.62 6.80
CA LYS C 296 25.89 -4.61 8.22
C LYS C 296 25.83 -6.05 8.73
N THR C 297 26.35 -6.27 9.93
CA THR C 297 26.36 -7.59 10.54
C THR C 297 25.12 -7.75 11.42
N ILE C 298 24.29 -8.73 11.09
CA ILE C 298 23.05 -8.99 11.81
C ILE C 298 23.07 -10.44 12.27
N LYS C 299 22.82 -10.67 13.56
CA LYS C 299 22.86 -12.00 14.13
C LYS C 299 21.56 -12.31 14.86
N LYS C 300 21.20 -13.59 14.89
CA LYS C 300 19.99 -14.04 15.54
C LYS C 300 20.17 -15.48 16.00
N LYS C 301 19.53 -15.82 17.11
CA LYS C 301 19.58 -17.17 17.64
C LYS C 301 18.68 -18.09 16.82
N GLN C 302 19.17 -19.30 16.54
CA GLN C 302 18.40 -20.28 15.80
C GLN C 302 18.81 -21.67 16.24
N LYS C 303 18.09 -22.68 15.75
CA LYS C 303 18.37 -24.07 16.07
C LYS C 303 18.43 -24.89 14.79
N HIS C 304 19.37 -25.83 14.75
CA HIS C 304 19.46 -26.74 13.62
C HIS C 304 18.21 -27.62 13.56
N LYS C 305 17.62 -27.72 12.37
CA LYS C 305 16.41 -28.51 12.22
C LYS C 305 16.70 -29.98 12.53
N GLY C 306 15.87 -30.58 13.37
CA GLY C 306 16.06 -31.96 13.77
C GLY C 306 17.09 -32.12 14.87
N ARG C 307 18.32 -31.68 14.60
CA ARG C 307 19.38 -31.81 15.60
C ARG C 307 19.09 -30.97 16.83
N GLY C 308 18.60 -29.74 16.62
CA GLY C 308 18.25 -28.86 17.72
C GLY C 308 19.40 -28.08 18.32
N THR C 309 20.60 -28.20 17.77
CA THR C 309 21.74 -27.45 18.30
C THR C 309 21.54 -25.95 18.10
N VAL C 310 21.83 -25.17 19.14
CA VAL C 310 21.63 -23.74 19.12
C VAL C 310 22.84 -23.07 18.48
N ARG C 311 22.58 -22.09 17.61
CA ARG C 311 23.64 -21.35 16.95
C ARG C 311 23.21 -19.90 16.80
N THR C 312 24.17 -18.98 17.00
CA THR C 312 23.96 -17.56 16.78
C THR C 312 24.30 -17.26 15.32
N VAL C 313 23.32 -17.49 14.44
CA VAL C 313 23.56 -17.34 13.02
C VAL C 313 23.76 -15.87 12.69
N THR C 314 24.87 -15.54 12.02
CA THR C 314 25.22 -14.18 11.68
C THR C 314 25.34 -14.05 10.17
N LYS C 315 24.95 -12.88 9.66
CA LYS C 315 24.95 -12.63 8.23
C LYS C 315 25.34 -11.19 7.95
N THR C 316 25.95 -10.97 6.78
CA THR C 316 26.30 -9.65 6.30
C THR C 316 25.26 -9.24 5.26
N VAL C 317 24.46 -8.23 5.59
CA VAL C 317 23.36 -7.77 4.75
C VAL C 317 23.76 -6.43 4.14
N SER C 318 23.51 -6.30 2.84
CA SER C 318 23.84 -5.06 2.14
C SER C 318 23.14 -3.89 2.81
N ASN C 319 23.89 -2.82 3.05
CA ASN C 319 23.40 -1.65 3.76
C ASN C 319 23.39 -0.45 2.82
N ASP C 320 22.30 0.31 2.86
CA ASP C 320 22.18 1.48 2.00
C ASP C 320 23.21 2.54 2.42
N SER C 321 23.94 3.07 1.44
CA SER C 321 24.94 4.09 1.70
C SER C 321 25.26 4.79 0.38
N PHE C 322 25.72 6.03 0.49
CA PHE C 322 26.14 6.75 -0.71
C PHE C 322 27.29 6.07 -1.39
N PHE C 323 28.11 5.32 -0.65
CA PHE C 323 29.24 4.65 -1.25
C PHE C 323 28.84 3.43 -2.06
N ASN C 324 27.60 2.95 -1.91
CA ASN C 324 27.07 2.00 -2.87
C ASN C 324 27.02 2.61 -4.26
N PHE C 325 27.07 3.93 -4.33
CA PHE C 325 27.29 4.62 -5.60
C PHE C 325 28.53 4.07 -6.30
N PHE C 326 29.62 3.89 -5.56
CA PHE C 326 30.91 3.57 -6.17
C PHE C 326 31.05 2.11 -6.60
N ALA C 327 30.14 1.24 -6.19
CA ALA C 327 30.13 -0.15 -6.63
C ALA C 327 28.74 -0.46 -7.15
N PRO C 328 28.37 0.09 -8.30
CA PRO C 328 27.00 0.00 -8.77
C PRO C 328 26.68 -1.40 -9.27
N PRO C 329 25.44 -1.66 -9.64
CA PRO C 329 25.10 -2.97 -10.22
C PRO C 329 25.90 -3.25 -11.47
N GLU C 330 26.26 -4.52 -11.66
CA GLU C 330 27.09 -4.94 -12.77
C GLU C 330 26.23 -5.08 -14.02
N VAL C 331 26.46 -4.22 -15.00
CA VAL C 331 25.69 -4.24 -16.23
C VAL C 331 26.08 -5.46 -17.07
N ASP C 340 14.72 -3.67 -9.92
CA ASP C 340 15.13 -2.69 -8.92
C ASP C 340 16.53 -2.20 -9.20
N ALA C 341 17.40 -3.09 -9.68
CA ALA C 341 18.76 -2.70 -10.02
C ALA C 341 18.77 -1.65 -11.12
N GLU C 342 17.86 -1.79 -12.10
CA GLU C 342 17.79 -0.80 -13.18
C GLU C 342 17.40 0.57 -12.64
N ALA C 343 16.48 0.62 -11.67
CA ALA C 343 16.09 1.90 -11.09
C ALA C 343 17.26 2.55 -10.36
N ILE C 344 18.03 1.75 -9.62
CA ILE C 344 19.21 2.28 -8.96
C ILE C 344 20.21 2.80 -9.98
N LEU C 345 20.40 2.06 -11.08
CA LEU C 345 21.33 2.51 -12.11
C LEU C 345 20.87 3.81 -12.75
N ALA C 346 19.57 3.94 -13.02
CA ALA C 346 19.05 5.16 -13.62
C ALA C 346 19.22 6.35 -12.68
N ALA C 347 18.89 6.17 -11.39
CA ALA C 347 19.09 7.24 -10.44
C ALA C 347 20.58 7.59 -10.31
N ASP C 348 21.43 6.56 -10.35
CA ASP C 348 22.88 6.79 -10.27
C ASP C 348 23.36 7.61 -11.46
N PHE C 349 22.89 7.28 -12.67
CA PHE C 349 23.26 8.04 -13.85
C PHE C 349 22.78 9.48 -13.75
N GLU C 350 21.54 9.68 -13.28
CA GLU C 350 21.04 11.03 -13.13
C GLU C 350 21.89 11.81 -12.15
N ILE C 351 22.29 11.17 -11.04
CA ILE C 351 23.12 11.84 -10.06
C ILE C 351 24.46 12.21 -10.66
N GLY C 352 25.06 11.30 -11.44
CA GLY C 352 26.33 11.61 -12.05
C GLY C 352 26.25 12.72 -13.07
N HIS C 353 25.20 12.71 -13.90
CA HIS C 353 24.98 13.76 -14.88
C HIS C 353 24.80 15.11 -14.20
N PHE C 354 23.98 15.15 -13.15
CA PHE C 354 23.80 16.38 -12.39
C PHE C 354 25.12 16.83 -11.78
N LEU C 355 25.89 15.89 -11.24
CA LEU C 355 27.13 16.25 -10.56
C LEU C 355 28.16 16.77 -11.55
N ARG C 356 28.09 16.32 -12.79
CA ARG C 356 29.00 16.84 -13.81
C ARG C 356 28.58 18.23 -14.26
N GLU C 357 27.33 18.40 -14.69
CA GLU C 357 26.95 19.67 -15.32
C GLU C 357 26.77 20.80 -14.32
N ARG C 358 26.34 20.50 -13.10
CA ARG C 358 25.93 21.55 -12.17
C ARG C 358 26.76 21.59 -10.90
N ILE C 359 26.96 20.45 -10.23
CA ILE C 359 27.58 20.47 -8.91
C ILE C 359 29.01 21.00 -9.02
N ILE C 360 29.78 20.52 -9.99
CA ILE C 360 31.20 20.85 -10.06
C ILE C 360 31.39 22.26 -10.61
N PRO C 361 30.87 22.59 -11.80
CA PRO C 361 31.08 23.94 -12.32
C PRO C 361 30.45 25.01 -11.45
N ARG C 362 29.38 24.68 -10.74
CA ARG C 362 28.65 25.62 -9.90
C ARG C 362 28.66 25.17 -8.45
N SER C 363 29.81 24.69 -7.96
CA SER C 363 29.89 24.22 -6.59
C SER C 363 29.59 25.35 -5.60
N VAL C 364 30.14 26.54 -5.86
CA VAL C 364 29.93 27.66 -4.95
C VAL C 364 28.47 28.07 -4.94
N LEU C 365 27.82 28.08 -6.11
CA LEU C 365 26.41 28.44 -6.16
C LEU C 365 25.59 27.55 -5.25
N TYR C 366 26.02 26.32 -5.05
CA TYR C 366 25.24 25.36 -4.27
C TYR C 366 25.62 25.38 -2.80
N PHE C 367 26.90 25.60 -2.47
CA PHE C 367 27.27 25.71 -1.07
C PHE C 367 26.55 26.88 -0.42
N THR C 368 26.44 28.01 -1.14
CA THR C 368 25.67 29.15 -0.67
C THR C 368 24.18 29.01 -0.96
N GLY C 369 23.79 28.07 -1.82
CA GLY C 369 22.39 27.83 -2.12
C GLY C 369 21.78 28.77 -3.12
N GLU C 370 22.53 29.74 -3.64
CA GLU C 370 21.96 30.70 -4.57
C GLU C 370 21.31 30.02 -5.75
N ALA C 371 21.93 28.95 -6.26
CA ALA C 371 21.39 28.25 -7.41
C ALA C 371 20.19 27.41 -7.02
N ILE C 372 19.49 26.92 -8.04
CA ILE C 372 18.29 26.11 -7.87
C ILE C 372 18.65 24.65 -8.08
N GLU C 373 17.88 23.76 -7.43
CA GLU C 373 18.09 22.32 -7.54
C GLU C 373 17.38 21.83 -8.80
N ASP C 374 18.04 22.03 -9.93
CA ASP C 374 17.49 21.61 -11.22
C ASP C 374 17.27 20.11 -11.25
#